data_7UQY
#
_entry.id   7UQY
#
_cell.length_a   1.00
_cell.length_b   1.00
_cell.length_c   1.00
_cell.angle_alpha   90.00
_cell.angle_beta   90.00
_cell.angle_gamma   90.00
#
_symmetry.space_group_name_H-M   'P 1'
#
loop_
_entity.id
_entity.type
_entity.pdbx_description
1 polymer Exostosin-1
2 polymer Exostosin-2
3 branched beta-D-mannopyranose-(1-4)-2-acetamido-2-deoxy-beta-D-glucopyranose-(1-4)-2-acetamido-2-deoxy-beta-D-glucopyranose
4 non-polymer "URIDINE-5'-DIPHOSPHATE"
#
loop_
_entity_poly.entity_id
_entity_poly.type
_entity_poly.pdbx_seq_one_letter_code
_entity_poly.pdbx_strand_id
1 'polypeptide(L)'
;GFRASRSHSRREEHSGRNGLHHPSPDHFWPRFPDALRPFVPWDQLENEDSSVHISPRQKRDANSSIYKGKKCRMESCFDF
TLCKKNGFKVYVYPQQKGEKIAESYQNILAAIEGSRFYTSDPSQACLFVLSLDTLDRDQLSPQYVHNLRSKVQSLHLWNN
GRNHLIFNLYSGTWPDYTEDVGFDIGQAMLAKASISTENFRPNFDVSIPLFSKDHPRTGGERGFLKFNTIPPLRKYMLVF
KGKRYLTGIGSDTRNALYHVHNGEDVVLLTTCKHGKDWQKHKDSRCDRDNTEYEKYDYREMLHNATFCLVPRGRRLGSFR
FLEALQAACVPVMLSNGWELPFSEVINWNQAAVIGDERLLLQIPSTIRSIHQDKILALRQQTQFLWEAYFSSVEKIVLTT
LEIIQDRIFKHISRNSLIWNKHPGGLFVLPQYSSYLGDFPYYYANLGLKPPSKFTAVIHAVTPLVSQSQPVLKLLVAAAK
SQYCAQIIVLWNCDKPLPAKHRWPATAVPVVVIEGESKVMSSRFLPYDNIITDAVLSLDEDTVLSTTEVDFAFTVWQSFP
ERIVGYPARSHFWDNSKERWGYTSKWTNDYSMVLTGAAIYHKYYHYLYSHYLPASLKNMVDQLANCEDILMNFLVSAVTK
LPPIKVTQKKQYKETMMGQTSRASRWADPDHFAQRQSCMNTFASWFGYMPLIHSQMRLDPVLFKDQVSILRKKYRDIERL
;
A
2 'polypeptide(L)'
;GWPHSIESSNDWNVEKRSIRDVPVVRLPADSPIPERGDLSCRMHTCFDVYRCGFNPKNKIKVYIYALKKYVDDFGVSVSN
TISREYNELLMAISDSDYYTDDINRACLFVPSIDVLNQNTLRIKETAQAMAQLSRWDRGTNHLLFNMLPGGPPDYNTALD
VPRDRALLAGGGFSTWTYRQGYDVSIPVYSPLSAEVDLPEKGPGPRQYFLLSSQVGLHPEYREDLEALQVKHGESVLVLD
KCTNLSEGVLSVRKRCHKHQVFDYPQVLQEATFCVVLRGARLGQAVLSDVLQAGCVPVVIADSYILPFSEVLDWKRASVV
VPEEKMSDVYSILQSIPQRQIEEMQRQARWFWEAYFQSIKAIALATLQIINDRIYPYAAISYEEWNDPPAVKWGSVSNPL
FLPLIPPQSQGFTAIVLTYDRVESLFRVITEVSKVPSLSKLLVVWNNQNKNPPEDSLWPKIRVPLKVVRTAENKLSNRFF
PYDEIETEAVLAIDDDIIMLTSDELQFGYEVWREFPDRLVGYPGRLHLWDHEMNKWKYESEWTNEVSMVLTGAAFYHKYF
NYLYTYKMPGDIKNWVDAHMNCEDIAMNFLVANVTGKAVIKVTPRKKFKCPECTAIDGLSLDQTHMVERSECINKFASVF
GTMPLKVVEHRADPVLYKDDFPEKLKSFPNIGSL
;
B
#
# COMPACT_ATOMS: atom_id res chain seq x y z
N SER A 64 20.24 -6.28 -28.15
CA SER A 64 20.13 -7.36 -27.17
C SER A 64 21.49 -7.96 -26.84
N SER A 65 22.27 -8.28 -27.87
CA SER A 65 23.60 -8.85 -27.66
C SER A 65 24.56 -7.83 -27.06
N ILE A 66 24.35 -6.55 -27.35
CA ILE A 66 25.25 -5.51 -26.83
C ILE A 66 25.16 -5.43 -25.31
N TYR A 67 23.95 -5.52 -24.76
CA TYR A 67 23.72 -5.35 -23.33
C TYR A 67 23.62 -6.68 -22.59
N LYS A 68 24.39 -7.68 -23.02
CA LYS A 68 24.38 -8.99 -22.36
C LYS A 68 25.54 -9.07 -21.37
N GLY A 69 25.40 -8.30 -20.31
CA GLY A 69 26.40 -8.24 -19.25
C GLY A 69 25.77 -7.84 -17.94
N LYS A 70 26.42 -6.91 -17.23
CA LYS A 70 25.80 -6.34 -16.04
C LYS A 70 24.59 -5.48 -16.39
N LYS A 71 24.40 -5.14 -17.67
CA LYS A 71 23.29 -4.33 -18.13
C LYS A 71 22.09 -5.15 -18.60
N CYS A 72 22.00 -6.42 -18.21
CA CYS A 72 20.87 -7.23 -18.63
C CYS A 72 19.57 -6.75 -18.02
N ARG A 73 18.53 -6.70 -18.85
CA ARG A 73 17.15 -6.49 -18.45
C ARG A 73 16.34 -7.62 -19.09
N MET A 74 15.04 -7.68 -18.77
CA MET A 74 14.26 -8.83 -19.20
C MET A 74 13.97 -8.83 -20.69
N GLU A 75 14.06 -7.68 -21.35
CA GLU A 75 13.89 -7.69 -22.80
C GLU A 75 15.15 -8.12 -23.55
N SER A 76 16.29 -8.22 -22.87
CA SER A 76 17.52 -8.68 -23.51
C SER A 76 18.01 -10.00 -22.92
N CYS A 77 18.26 -10.07 -21.61
CA CYS A 77 18.74 -11.29 -20.97
C CYS A 77 17.58 -12.04 -20.29
N PHE A 78 16.57 -12.38 -21.09
CA PHE A 78 15.44 -13.19 -20.62
C PHE A 78 14.69 -13.70 -21.85
N ASP A 79 14.01 -14.82 -21.68
CA ASP A 79 13.29 -15.49 -22.76
C ASP A 79 11.82 -15.63 -22.38
N PHE A 80 10.97 -14.76 -22.93
CA PHE A 80 9.55 -14.83 -22.67
C PHE A 80 8.87 -15.98 -23.38
N THR A 81 9.52 -16.61 -24.36
CA THR A 81 8.89 -17.68 -25.11
C THR A 81 8.57 -18.88 -24.22
N LEU A 82 9.47 -19.20 -23.29
CA LEU A 82 9.26 -20.37 -22.43
C LEU A 82 8.15 -20.17 -21.41
N CYS A 83 7.78 -18.92 -21.13
CA CYS A 83 6.76 -18.65 -20.12
C CYS A 83 5.34 -18.71 -20.67
N LYS A 84 5.17 -18.93 -21.97
CA LYS A 84 3.89 -18.96 -22.68
C LYS A 84 2.86 -18.00 -22.08
N LYS A 85 1.66 -18.50 -21.79
CA LYS A 85 0.59 -17.68 -21.22
C LYS A 85 0.23 -18.09 -19.80
N ASN A 86 -0.18 -19.34 -19.60
CA ASN A 86 -0.49 -19.86 -18.26
C ASN A 86 0.71 -20.59 -17.68
N GLY A 87 1.87 -19.93 -17.65
CA GLY A 87 3.08 -20.59 -17.24
C GLY A 87 3.74 -19.99 -16.01
N PHE A 88 4.95 -19.48 -16.18
CA PHE A 88 5.81 -19.03 -15.07
C PHE A 88 5.93 -20.12 -14.01
N LYS A 89 6.54 -21.23 -14.41
CA LYS A 89 6.85 -22.31 -13.50
C LYS A 89 8.31 -22.21 -13.07
N VAL A 90 8.59 -22.63 -11.84
CA VAL A 90 9.92 -22.56 -11.25
C VAL A 90 10.46 -23.98 -11.09
N TYR A 91 11.65 -24.22 -11.63
CA TYR A 91 12.29 -25.52 -11.56
C TYR A 91 13.43 -25.48 -10.56
N VAL A 92 13.45 -26.45 -9.65
CA VAL A 92 14.49 -26.56 -8.63
C VAL A 92 15.41 -27.71 -9.00
N TYR A 93 16.71 -27.44 -9.04
CA TYR A 93 17.67 -28.47 -9.38
C TYR A 93 17.68 -29.54 -8.29
N PRO A 94 17.81 -30.82 -8.66
CA PRO A 94 17.84 -31.87 -7.64
C PRO A 94 19.12 -31.81 -6.81
N GLN A 95 19.00 -32.29 -5.57
CA GLN A 95 20.13 -32.29 -4.65
C GLN A 95 21.16 -33.33 -5.06
N GLN A 96 22.44 -32.97 -4.92
CA GLN A 96 23.52 -33.89 -5.26
C GLN A 96 23.86 -34.85 -4.12
N LYS A 97 23.32 -34.63 -2.92
CA LYS A 97 23.51 -35.50 -1.77
C LYS A 97 24.98 -35.64 -1.40
N GLY A 98 25.78 -34.61 -1.69
CA GLY A 98 27.19 -34.65 -1.34
C GLY A 98 27.75 -33.29 -0.95
N GLU A 99 26.89 -32.36 -0.58
CA GLU A 99 27.29 -31.00 -0.30
C GLU A 99 26.68 -30.50 1.00
N LYS A 100 27.42 -29.63 1.68
CA LYS A 100 26.90 -28.95 2.86
C LYS A 100 26.04 -27.76 2.44
N ILE A 101 24.88 -27.61 3.08
CA ILE A 101 23.96 -26.53 2.77
C ILE A 101 23.42 -25.96 4.08
N ALA A 102 23.32 -24.64 4.14
CA ALA A 102 22.81 -23.97 5.34
C ALA A 102 21.31 -24.21 5.49
N GLU A 103 20.83 -24.01 6.72
CA GLU A 103 19.42 -24.25 7.03
C GLU A 103 18.52 -23.28 6.27
N SER A 104 18.95 -22.02 6.15
CA SER A 104 18.14 -21.02 5.46
C SER A 104 17.88 -21.40 4.01
N TYR A 105 18.82 -22.11 3.38
CA TYR A 105 18.63 -22.53 2.00
C TYR A 105 17.64 -23.68 1.89
N GLN A 106 17.65 -24.63 2.85
CA GLN A 106 16.53 -25.56 2.96
C GLN A 106 15.22 -24.82 3.13
N ASN A 107 15.21 -23.74 3.92
CA ASN A 107 13.97 -22.98 4.09
C ASN A 107 13.50 -22.38 2.77
N ILE A 108 14.43 -21.80 2.01
CA ILE A 108 14.07 -21.17 0.74
C ILE A 108 13.51 -22.21 -0.23
N LEU A 109 14.18 -23.36 -0.34
CA LEU A 109 13.70 -24.39 -1.28
C LEU A 109 12.44 -25.08 -0.79
N ALA A 110 12.23 -25.17 0.52
CA ALA A 110 10.94 -25.65 1.02
C ALA A 110 9.83 -24.68 0.66
N ALA A 111 10.12 -23.38 0.73
CA ALA A 111 9.15 -22.39 0.28
C ALA A 111 8.86 -22.52 -1.20
N ILE A 112 9.90 -22.71 -2.01
CA ILE A 112 9.71 -22.79 -3.46
C ILE A 112 8.93 -24.05 -3.84
N GLU A 113 9.34 -25.20 -3.31
CA GLU A 113 8.71 -26.45 -3.69
C GLU A 113 7.31 -26.58 -3.09
N GLY A 114 7.04 -25.88 -1.99
CA GLY A 114 5.70 -25.86 -1.44
C GLY A 114 4.74 -24.94 -2.17
N SER A 115 5.25 -24.08 -3.05
CA SER A 115 4.44 -23.15 -3.79
C SER A 115 3.85 -23.81 -5.04
N ARG A 116 2.85 -23.16 -5.62
CA ARG A 116 2.27 -23.66 -6.86
C ARG A 116 3.12 -23.35 -8.07
N PHE A 117 4.17 -22.55 -7.91
CA PHE A 117 5.09 -22.28 -9.00
C PHE A 117 6.11 -23.39 -9.21
N TYR A 118 6.13 -24.38 -8.31
CA TYR A 118 7.10 -25.46 -8.40
C TYR A 118 6.73 -26.45 -9.49
N THR A 119 7.73 -27.01 -10.15
CA THR A 119 7.54 -28.05 -11.15
C THR A 119 8.77 -28.95 -11.17
N SER A 120 8.60 -30.16 -11.71
CA SER A 120 9.67 -31.13 -11.79
C SER A 120 10.27 -31.24 -13.20
N ASP A 121 9.57 -30.77 -14.22
CA ASP A 121 10.06 -30.89 -15.59
C ASP A 121 10.76 -29.60 -16.00
N PRO A 122 12.07 -29.64 -16.27
CA PRO A 122 12.77 -28.40 -16.64
C PRO A 122 12.26 -27.77 -17.93
N SER A 123 11.78 -28.57 -18.88
CA SER A 123 11.32 -28.00 -20.15
C SER A 123 10.09 -27.12 -19.97
N GLN A 124 9.15 -27.55 -19.12
CA GLN A 124 7.95 -26.76 -18.90
C GLN A 124 8.25 -25.44 -18.21
N ALA A 125 9.18 -25.46 -17.25
CA ALA A 125 9.48 -24.26 -16.47
C ALA A 125 10.20 -23.22 -17.32
N CYS A 126 9.93 -21.95 -17.00
CA CYS A 126 10.64 -20.83 -17.59
C CYS A 126 11.41 -20.03 -16.54
N LEU A 127 11.65 -20.64 -15.37
CA LEU A 127 12.45 -20.04 -14.32
C LEU A 127 13.19 -21.16 -13.58
N PHE A 128 14.47 -20.94 -13.32
CA PHE A 128 15.32 -21.95 -12.69
C PHE A 128 15.93 -21.39 -11.41
N VAL A 129 16.04 -22.25 -10.40
CA VAL A 129 16.72 -21.91 -9.15
C VAL A 129 17.72 -23.02 -8.84
N LEU A 130 18.95 -22.63 -8.52
CA LEU A 130 20.00 -23.61 -8.28
C LEU A 130 19.80 -24.32 -6.95
N SER A 131 20.34 -25.53 -6.87
CA SER A 131 20.31 -26.32 -5.65
C SER A 131 21.54 -26.10 -4.78
N LEU A 132 22.53 -25.36 -5.26
CA LEU A 132 23.75 -25.13 -4.50
C LEU A 132 23.58 -23.95 -3.55
N ASP A 133 24.18 -24.09 -2.37
CA ASP A 133 24.05 -23.06 -1.34
C ASP A 133 24.83 -21.82 -1.75
N THR A 134 24.12 -20.84 -2.32
CA THR A 134 24.72 -19.59 -2.76
C THR A 134 24.34 -18.41 -1.86
N LEU A 135 23.66 -18.65 -0.74
CA LEU A 135 23.25 -17.55 0.13
C LEU A 135 24.44 -16.85 0.76
N ASP A 136 25.45 -17.60 1.16
CA ASP A 136 26.66 -17.04 1.78
C ASP A 136 27.81 -17.23 0.80
N ARG A 137 28.37 -16.13 0.32
CA ARG A 137 29.52 -16.16 -0.58
C ARG A 137 30.78 -15.60 0.07
N ASP A 138 30.75 -15.33 1.37
CA ASP A 138 31.94 -14.88 2.06
C ASP A 138 32.91 -16.05 2.23
N GLN A 139 34.17 -15.84 1.84
CA GLN A 139 35.14 -16.92 1.89
C GLN A 139 35.39 -17.40 3.32
N LEU A 140 35.45 -16.48 4.28
CA LEU A 140 35.73 -16.84 5.66
C LEU A 140 34.55 -17.48 6.38
N SER A 141 33.36 -17.44 5.79
CA SER A 141 32.18 -17.95 6.48
C SER A 141 32.18 -19.48 6.47
N PRO A 142 31.64 -20.11 7.52
CA PRO A 142 31.60 -21.58 7.55
C PRO A 142 30.76 -22.20 6.46
N GLN A 143 29.78 -21.47 5.90
CA GLN A 143 28.87 -22.03 4.91
C GLN A 143 29.28 -21.74 3.48
N TYR A 144 30.49 -21.22 3.27
CA TYR A 144 30.97 -20.99 1.91
C TYR A 144 31.21 -22.31 1.19
N VAL A 145 30.87 -22.34 -0.10
CA VAL A 145 31.04 -23.52 -0.94
C VAL A 145 32.20 -23.26 -1.89
N HIS A 146 33.17 -24.16 -1.89
CA HIS A 146 34.37 -23.98 -2.69
C HIS A 146 34.18 -24.53 -4.11
N ASN A 147 35.00 -24.02 -5.02
CA ASN A 147 35.01 -24.45 -6.43
C ASN A 147 33.63 -24.32 -7.06
N LEU A 148 32.90 -23.27 -6.69
CA LEU A 148 31.57 -23.06 -7.24
C LEU A 148 31.61 -22.55 -8.68
N ARG A 149 32.65 -21.79 -9.03
CA ARG A 149 32.74 -21.24 -10.38
C ARG A 149 32.77 -22.33 -11.44
N SER A 150 33.63 -23.34 -11.24
CA SER A 150 33.68 -24.46 -12.17
C SER A 150 32.50 -25.40 -12.01
N LYS A 151 31.87 -25.43 -10.83
CA LYS A 151 30.75 -26.32 -10.60
C LYS A 151 29.48 -25.84 -11.31
N VAL A 152 29.25 -24.53 -11.33
CA VAL A 152 28.03 -24.01 -11.94
C VAL A 152 28.05 -24.22 -13.45
N GLN A 153 29.24 -24.27 -14.07
CA GLN A 153 29.33 -24.49 -15.51
C GLN A 153 29.12 -25.95 -15.89
N SER A 154 29.18 -26.87 -14.93
CA SER A 154 28.99 -28.29 -15.22
C SER A 154 27.52 -28.68 -15.26
N LEU A 155 26.61 -27.77 -14.97
CA LEU A 155 25.19 -28.09 -15.03
C LEU A 155 24.71 -28.17 -16.47
N HIS A 156 23.84 -29.14 -16.75
CA HIS A 156 23.36 -29.33 -18.11
C HIS A 156 22.33 -28.27 -18.49
N LEU A 157 21.56 -27.77 -17.53
CA LEU A 157 20.48 -26.83 -17.80
C LEU A 157 20.86 -25.39 -17.47
N TRP A 158 22.14 -25.10 -17.26
CA TRP A 158 22.54 -23.75 -16.93
C TRP A 158 22.20 -22.77 -18.05
N ASN A 159 22.62 -23.08 -19.27
CA ASN A 159 22.31 -22.29 -20.47
C ASN A 159 22.66 -20.82 -20.24
N ASN A 160 23.84 -20.59 -19.68
CA ASN A 160 24.33 -19.25 -19.33
C ASN A 160 23.38 -18.54 -18.36
N GLY A 161 22.57 -19.28 -17.62
CA GLY A 161 21.63 -18.69 -16.69
C GLY A 161 20.59 -17.80 -17.33
N ARG A 162 20.01 -18.23 -18.45
CA ARG A 162 19.05 -17.40 -19.15
C ARG A 162 17.81 -17.15 -18.31
N ASN A 163 17.30 -18.18 -17.64
CA ASN A 163 16.11 -18.07 -16.81
C ASN A 163 16.39 -18.58 -15.40
N HIS A 164 17.55 -18.20 -14.85
CA HIS A 164 17.98 -18.69 -13.55
C HIS A 164 17.86 -17.57 -12.51
N LEU A 165 17.28 -17.91 -11.36
CA LEU A 165 17.14 -16.99 -10.25
C LEU A 165 18.07 -17.42 -9.13
N ILE A 166 18.93 -16.51 -8.69
CA ILE A 166 19.94 -16.80 -7.67
C ILE A 166 19.61 -16.01 -6.41
N PHE A 167 19.53 -16.72 -5.29
CA PHE A 167 19.30 -16.10 -3.99
C PHE A 167 20.64 -15.93 -3.29
N ASN A 168 20.92 -14.72 -2.82
CA ASN A 168 22.16 -14.43 -2.12
C ASN A 168 21.87 -13.52 -0.94
N LEU A 169 22.52 -13.78 0.18
CA LEU A 169 22.39 -12.97 1.38
C LEU A 169 23.68 -12.26 1.78
N TYR A 170 24.83 -12.82 1.43
CA TYR A 170 26.12 -12.21 1.74
C TYR A 170 27.03 -12.25 0.53
N SER A 171 27.95 -11.30 0.47
CA SER A 171 28.93 -11.25 -0.61
C SER A 171 30.12 -10.44 -0.14
N GLY A 172 31.30 -10.81 -0.62
CA GLY A 172 32.52 -10.10 -0.30
C GLY A 172 33.23 -10.67 0.91
N THR A 173 34.51 -10.33 1.02
CA THR A 173 35.39 -10.78 2.09
C THR A 173 35.62 -9.59 3.03
N TRP A 174 36.42 -9.81 4.07
CA TRP A 174 36.69 -8.75 5.06
C TRP A 174 37.18 -7.45 4.44
N PRO A 175 38.14 -7.43 3.51
CA PRO A 175 38.54 -6.14 2.93
C PRO A 175 37.63 -5.75 1.77
N ASP A 176 36.94 -4.62 1.91
CA ASP A 176 36.14 -4.02 0.85
C ASP A 176 35.05 -4.99 0.35
N TYR A 177 34.10 -5.24 1.24
CA TYR A 177 32.90 -5.99 0.88
C TYR A 177 32.26 -5.40 -0.37
N THR A 178 32.17 -6.21 -1.43
CA THR A 178 31.64 -5.75 -2.71
C THR A 178 30.69 -6.81 -3.26
N GLU A 179 30.29 -6.64 -4.51
CA GLU A 179 29.40 -7.57 -5.22
C GLU A 179 30.21 -8.74 -5.75
N ASP A 180 30.65 -9.59 -4.83
CA ASP A 180 31.45 -10.76 -5.16
C ASP A 180 30.65 -12.02 -4.88
N VAL A 181 29.89 -12.47 -5.89
CA VAL A 181 29.16 -13.72 -5.78
C VAL A 181 30.02 -14.93 -6.11
N GLY A 182 31.28 -14.72 -6.49
CA GLY A 182 32.18 -15.80 -6.80
C GLY A 182 32.02 -16.33 -8.21
N PHE A 183 30.98 -17.11 -8.46
CA PHE A 183 30.75 -17.68 -9.77
C PHE A 183 30.13 -16.65 -10.70
N ASP A 184 30.39 -16.83 -12.01
CA ASP A 184 29.89 -15.90 -13.02
C ASP A 184 28.41 -16.15 -13.23
N ILE A 185 27.58 -15.18 -12.82
CA ILE A 185 26.14 -15.33 -12.96
C ILE A 185 25.74 -15.28 -14.44
N GLY A 186 26.44 -14.47 -15.23
CA GLY A 186 26.11 -14.35 -16.64
C GLY A 186 24.79 -13.62 -16.87
N GLN A 187 23.82 -14.33 -17.42
CA GLN A 187 22.50 -13.76 -17.71
C GLN A 187 21.51 -13.96 -16.58
N ALA A 188 21.93 -14.55 -15.46
CA ALA A 188 21.00 -14.87 -14.38
C ALA A 188 20.83 -13.68 -13.45
N MET A 189 19.58 -13.29 -13.24
CA MET A 189 19.26 -12.25 -12.27
C MET A 189 19.49 -12.78 -10.86
N LEU A 190 19.98 -11.92 -9.99
CA LEU A 190 20.32 -12.29 -8.62
C LEU A 190 19.42 -11.54 -7.64
N ALA A 191 18.83 -12.28 -6.70
CA ALA A 191 18.00 -11.69 -5.65
C ALA A 191 18.83 -11.47 -4.38
N LYS A 192 19.87 -10.67 -4.52
CA LYS A 192 20.77 -10.41 -3.40
C LYS A 192 20.09 -9.50 -2.37
N ALA A 193 20.49 -9.67 -1.11
CA ALA A 193 19.88 -8.90 -0.03
C ALA A 193 20.36 -7.46 -0.02
N SER A 194 21.67 -7.25 0.14
CA SER A 194 22.25 -5.91 0.21
C SER A 194 22.79 -5.55 -1.16
N ILE A 195 21.98 -4.85 -1.95
CA ILE A 195 22.36 -4.43 -3.30
C ILE A 195 22.52 -2.92 -3.29
N SER A 196 23.68 -2.44 -3.72
CA SER A 196 23.88 -1.01 -3.86
C SER A 196 23.05 -0.47 -5.02
N THR A 197 22.70 0.82 -4.94
CA THR A 197 21.84 1.42 -5.94
C THR A 197 22.48 1.40 -7.32
N GLU A 198 23.78 1.70 -7.39
CA GLU A 198 24.46 1.73 -8.68
C GLU A 198 24.69 0.33 -9.24
N ASN A 199 24.61 -0.71 -8.41
CA ASN A 199 24.81 -2.08 -8.84
C ASN A 199 23.50 -2.83 -9.01
N PHE A 200 22.37 -2.14 -9.03
CA PHE A 200 21.06 -2.76 -9.08
C PHE A 200 20.47 -2.61 -10.48
N ARG A 201 19.99 -3.72 -11.02
CA ARG A 201 19.26 -3.69 -12.28
C ARG A 201 17.84 -3.18 -12.01
N PRO A 202 17.40 -2.11 -12.67
CA PRO A 202 16.12 -1.48 -12.28
C PRO A 202 14.92 -2.41 -12.35
N ASN A 203 14.88 -3.32 -13.32
CA ASN A 203 13.73 -4.21 -13.44
C ASN A 203 14.17 -5.64 -13.76
N PHE A 204 15.36 -6.03 -13.31
CA PHE A 204 15.85 -7.40 -13.48
C PHE A 204 16.13 -8.08 -12.15
N ASP A 205 16.81 -7.41 -11.24
CA ASP A 205 17.13 -7.97 -9.94
C ASP A 205 16.05 -7.60 -8.92
N VAL A 206 16.05 -8.31 -7.79
CA VAL A 206 15.12 -8.06 -6.69
C VAL A 206 15.93 -7.92 -5.42
N SER A 207 15.65 -6.87 -4.65
CA SER A 207 16.26 -6.68 -3.34
C SER A 207 15.42 -7.39 -2.30
N ILE A 208 16.04 -8.30 -1.55
CA ILE A 208 15.33 -9.12 -0.59
C ILE A 208 15.83 -8.77 0.80
N PRO A 209 15.01 -9.00 1.83
CA PRO A 209 15.47 -8.74 3.20
C PRO A 209 16.54 -9.72 3.64
N LEU A 210 17.36 -9.28 4.57
CA LEU A 210 18.37 -10.13 5.20
C LEU A 210 17.81 -10.68 6.50
N PHE A 211 17.73 -12.01 6.60
CA PHE A 211 17.10 -12.68 7.73
C PHE A 211 18.03 -13.74 8.30
N SER A 212 17.84 -14.03 9.59
CA SER A 212 18.66 -15.00 10.30
C SER A 212 18.22 -16.42 10.00
N LYS A 213 19.03 -17.38 10.45
CA LYS A 213 18.68 -18.79 10.30
C LYS A 213 17.50 -19.19 11.18
N ASP A 214 17.22 -18.41 12.23
CA ASP A 214 16.10 -18.66 13.12
C ASP A 214 14.81 -18.04 12.62
N HIS A 215 14.82 -17.37 11.47
CA HIS A 215 13.62 -16.78 10.92
C HIS A 215 12.60 -17.87 10.60
N PRO A 216 11.33 -17.66 10.93
CA PRO A 216 10.33 -18.71 10.72
C PRO A 216 10.21 -19.08 9.25
N ARG A 217 9.96 -20.37 9.01
CA ARG A 217 9.83 -20.86 7.64
C ARG A 217 8.45 -20.53 7.07
N THR A 218 7.39 -20.88 7.80
CA THR A 218 6.03 -20.64 7.34
C THR A 218 5.19 -19.81 8.30
N GLY A 219 5.51 -19.79 9.60
CA GLY A 219 4.70 -19.07 10.56
C GLY A 219 4.99 -17.59 10.60
N GLY A 220 4.28 -16.90 11.48
CA GLY A 220 4.46 -15.47 11.66
C GLY A 220 4.40 -15.10 13.12
N GLU A 221 5.11 -14.02 13.45
CA GLU A 221 5.17 -13.53 14.83
C GLU A 221 4.06 -12.55 15.18
N ARG A 222 3.20 -12.20 14.21
CA ARG A 222 2.03 -11.36 14.43
C ARG A 222 2.38 -9.96 14.92
N GLY A 223 3.59 -9.51 14.69
CA GLY A 223 3.97 -8.17 15.10
C GLY A 223 4.05 -8.03 16.61
N PHE A 224 4.14 -6.77 17.05
CA PHE A 224 4.19 -6.47 18.47
C PHE A 224 3.14 -5.43 18.85
N LEU A 225 2.82 -4.53 17.94
CA LEU A 225 1.94 -3.41 18.25
C LEU A 225 0.52 -3.94 18.42
N LYS A 226 0.10 -4.10 19.67
CA LYS A 226 -1.27 -4.47 19.97
C LYS A 226 -2.15 -3.27 20.28
N PHE A 227 -1.56 -2.14 20.65
CA PHE A 227 -2.29 -0.93 20.99
C PHE A 227 -1.77 0.22 20.15
N ASN A 228 -2.65 0.89 19.43
CA ASN A 228 -2.29 2.09 18.68
C ASN A 228 -2.63 3.32 19.52
N THR A 229 -1.90 3.45 20.62
CA THR A 229 -2.17 4.52 21.58
C THR A 229 -1.85 5.88 20.97
N ILE A 230 -2.69 6.85 21.28
CA ILE A 230 -2.50 8.23 20.85
C ILE A 230 -2.16 9.07 22.07
N PRO A 231 -1.10 9.91 22.02
CA PRO A 231 -0.19 10.03 20.88
C PRO A 231 0.70 8.81 20.70
N PRO A 232 1.06 8.49 19.45
CA PRO A 232 1.91 7.32 19.20
C PRO A 232 3.31 7.45 19.76
N LEU A 233 3.69 8.59 20.32
CA LEU A 233 4.99 8.76 20.91
C LEU A 233 5.13 7.86 22.14
N ARG A 234 6.38 7.48 22.43
CA ARG A 234 6.68 6.59 23.54
C ARG A 234 7.72 7.22 24.45
N LYS A 235 8.30 6.42 25.36
CA LYS A 235 9.25 6.95 26.33
C LYS A 235 10.45 7.58 25.64
N TYR A 236 10.98 6.92 24.62
CA TYR A 236 12.13 7.42 23.89
C TYR A 236 11.70 7.86 22.49
N MET A 237 12.63 8.47 21.77
CA MET A 237 12.36 8.94 20.42
C MET A 237 13.24 8.30 19.36
N LEU A 238 14.55 8.25 19.58
CA LEU A 238 15.49 7.73 18.61
C LEU A 238 16.56 6.94 19.35
N VAL A 239 16.59 5.62 19.12
CA VAL A 239 17.38 4.71 19.93
C VAL A 239 18.28 3.87 19.03
N PHE A 240 19.31 3.30 19.63
CA PHE A 240 20.23 2.41 18.93
C PHE A 240 21.06 1.65 19.96
N LYS A 241 21.28 0.36 19.71
CA LYS A 241 22.14 -0.45 20.58
C LYS A 241 22.84 -1.48 19.70
N GLY A 242 24.05 -1.14 19.26
CA GLY A 242 24.77 -2.00 18.33
C GLY A 242 26.26 -1.78 18.40
N LYS A 243 26.98 -2.68 17.75
CA LYS A 243 28.43 -2.63 17.77
C LYS A 243 28.95 -1.50 16.89
N ARG A 244 30.04 -0.88 17.36
CA ARG A 244 30.81 0.06 16.55
C ARG A 244 32.16 -0.56 16.26
N TYR A 245 32.70 -0.25 15.08
CA TYR A 245 33.88 -0.94 14.56
C TYR A 245 35.05 0.03 14.55
N LEU A 246 36.16 -0.40 15.18
CA LEU A 246 37.30 0.49 15.34
C LEU A 246 38.00 0.77 14.01
N THR A 247 38.28 -0.28 13.25
CA THR A 247 38.97 -0.15 11.97
C THR A 247 38.22 -0.93 10.90
N GLY A 248 38.27 -0.42 9.67
CA GLY A 248 37.60 -1.07 8.57
C GLY A 248 36.75 -0.13 7.74
N ILE A 249 35.70 -0.66 7.11
CA ILE A 249 34.81 0.10 6.26
C ILE A 249 33.39 -0.10 6.76
N GLY A 250 32.65 1.01 6.90
CA GLY A 250 31.26 0.95 7.29
C GLY A 250 30.96 1.35 8.73
N SER A 251 31.94 1.86 9.47
CA SER A 251 31.72 2.33 10.83
C SER A 251 31.65 3.86 10.92
N ASP A 252 31.70 4.55 9.79
CA ASP A 252 31.68 6.02 9.82
C ASP A 252 30.36 6.56 10.35
N THR A 253 29.25 5.95 9.94
CA THR A 253 27.95 6.38 10.46
C THR A 253 27.79 6.03 11.93
N ARG A 254 28.53 5.01 12.38
CA ARG A 254 28.32 4.47 13.72
C ARG A 254 29.18 5.19 14.74
N ASN A 255 30.38 5.63 14.35
CA ASN A 255 31.31 6.29 15.25
C ASN A 255 30.93 7.74 15.53
N ALA A 256 30.03 8.33 14.73
CA ALA A 256 29.61 9.70 14.92
C ALA A 256 28.28 9.82 15.64
N LEU A 257 27.75 8.70 16.15
CA LEU A 257 26.48 8.73 16.86
C LEU A 257 26.58 9.43 18.22
N TYR A 258 27.77 9.41 18.85
CA TYR A 258 27.95 10.09 20.12
C TYR A 258 27.85 11.60 19.97
N HIS A 259 28.10 12.14 18.77
CA HIS A 259 27.92 13.57 18.55
C HIS A 259 26.47 13.97 18.77
N VAL A 260 25.53 13.14 18.31
CA VAL A 260 24.11 13.46 18.39
C VAL A 260 23.44 12.78 19.58
N HIS A 261 24.18 11.96 20.33
CA HIS A 261 23.61 11.35 21.53
C HIS A 261 23.14 12.41 22.51
N ASN A 262 21.96 12.19 23.10
CA ASN A 262 21.38 13.11 24.07
C ASN A 262 21.20 12.48 25.44
N GLY A 263 20.67 11.27 25.51
CA GLY A 263 20.47 10.57 26.77
C GLY A 263 19.06 10.63 27.30
N GLU A 264 18.25 11.57 26.84
CA GLU A 264 16.85 11.68 27.26
C GLU A 264 15.89 11.09 26.25
N ASP A 265 15.99 11.54 25.00
CA ASP A 265 15.19 11.00 23.89
C ASP A 265 16.05 10.28 22.86
N VAL A 266 17.14 10.92 22.42
CA VAL A 266 18.06 10.29 21.46
C VAL A 266 19.13 9.60 22.30
N VAL A 267 18.90 8.31 22.56
CA VAL A 267 19.85 7.48 23.30
C VAL A 267 20.48 6.48 22.33
N LEU A 268 21.80 6.56 22.20
CA LEU A 268 22.55 5.74 21.25
C LEU A 268 23.67 5.03 21.98
N LEU A 269 23.85 3.75 21.68
CA LEU A 269 24.78 2.90 22.41
C LEU A 269 25.69 2.20 21.43
N THR A 270 26.99 2.16 21.73
CA THR A 270 27.98 1.52 20.87
C THR A 270 29.00 0.77 21.73
N THR A 271 29.60 -0.27 21.14
CA THR A 271 30.70 -1.01 21.75
C THR A 271 31.72 -1.39 20.70
N CYS A 272 32.99 -1.47 21.10
CA CYS A 272 34.07 -1.93 20.23
C CYS A 272 34.46 -3.38 20.52
N LYS A 273 33.62 -4.11 21.25
CA LYS A 273 33.91 -5.49 21.65
C LYS A 273 33.56 -6.42 20.50
N HIS A 274 34.51 -6.63 19.58
CA HIS A 274 34.28 -7.50 18.43
C HIS A 274 35.47 -8.40 18.18
N GLY A 275 36.01 -9.00 19.23
CA GLY A 275 37.08 -9.95 19.07
C GLY A 275 38.42 -9.51 19.63
N LYS A 276 39.48 -9.60 18.82
CA LYS A 276 40.81 -9.26 19.27
C LYS A 276 40.94 -7.76 19.55
N ASP A 277 40.25 -6.92 18.79
CA ASP A 277 40.34 -5.47 18.93
C ASP A 277 39.54 -4.94 20.10
N TRP A 278 39.12 -5.79 21.04
CA TRP A 278 38.39 -5.33 22.20
C TRP A 278 39.22 -4.39 23.06
N GLN A 279 40.53 -4.64 23.16
CA GLN A 279 41.42 -3.78 23.92
C GLN A 279 42.72 -3.46 23.19
N LYS A 280 42.87 -3.87 21.92
CA LYS A 280 44.12 -3.63 21.22
C LYS A 280 44.19 -2.21 20.67
N HIS A 281 43.24 -1.82 19.82
CA HIS A 281 43.22 -0.51 19.20
C HIS A 281 42.02 0.32 19.67
N LYS A 282 41.61 0.15 20.92
CA LYS A 282 40.48 0.89 21.45
C LYS A 282 40.81 2.38 21.53
N ASP A 283 39.80 3.21 21.27
CA ASP A 283 39.95 4.65 21.35
C ASP A 283 39.71 5.11 22.79
N SER A 284 39.60 6.41 23.00
CA SER A 284 39.38 6.98 24.31
C SER A 284 37.91 6.98 24.72
N ARG A 285 37.08 6.17 24.06
CA ARG A 285 35.65 6.15 24.35
C ARG A 285 35.07 4.76 24.55
N CYS A 286 35.82 3.69 24.30
CA CYS A 286 35.28 2.35 24.54
C CYS A 286 34.94 2.12 26.01
N ASP A 287 35.70 2.68 26.94
CA ASP A 287 35.40 2.46 28.35
C ASP A 287 34.02 3.01 28.72
N ARG A 288 33.79 4.29 28.40
CA ARG A 288 32.50 4.90 28.69
C ARG A 288 31.39 4.23 27.89
N ASP A 289 31.66 3.87 26.63
CA ASP A 289 30.67 3.21 25.80
C ASP A 289 30.23 1.88 26.42
N ASN A 290 31.20 1.09 26.88
CA ASN A 290 30.88 -0.20 27.48
C ASN A 290 30.15 -0.03 28.81
N THR A 291 30.54 0.97 29.60
CA THR A 291 29.83 1.22 30.85
C THR A 291 28.37 1.60 30.59
N GLU A 292 28.14 2.43 29.56
CA GLU A 292 26.77 2.83 29.23
C GLU A 292 25.97 1.68 28.63
N TYR A 293 26.66 0.77 27.93
CA TYR A 293 25.97 -0.27 27.17
C TYR A 293 25.24 -1.29 28.04
N GLU A 294 25.62 -1.41 29.31
CA GLU A 294 25.18 -2.53 30.15
C GLU A 294 24.01 -2.15 31.06
N LYS A 295 23.09 -1.31 30.60
CA LYS A 295 21.95 -0.90 31.41
C LYS A 295 20.62 -1.26 30.76
N TYR A 296 20.45 -0.96 29.48
CA TYR A 296 19.16 -1.11 28.83
C TYR A 296 19.09 -2.38 28.00
N ASP A 297 17.96 -3.07 28.08
CA ASP A 297 17.71 -4.24 27.26
C ASP A 297 17.43 -3.83 25.82
N TYR A 298 17.84 -4.69 24.88
CA TYR A 298 17.59 -4.42 23.46
C TYR A 298 16.17 -4.71 23.04
N ARG A 299 15.47 -5.65 23.67
CA ARG A 299 14.07 -5.90 23.40
C ARG A 299 13.15 -4.96 24.15
N GLU A 300 13.69 -4.12 25.02
CA GLU A 300 12.92 -3.11 25.73
C GLU A 300 13.07 -1.71 25.14
N MET A 301 14.29 -1.33 24.75
CA MET A 301 14.48 -0.01 24.14
C MET A 301 14.01 0.00 22.69
N LEU A 302 14.01 -1.16 22.02
CA LEU A 302 13.44 -1.25 20.68
C LEU A 302 11.92 -1.18 20.73
N HIS A 303 11.32 -1.64 21.81
CA HIS A 303 9.87 -1.63 21.99
C HIS A 303 9.37 -0.40 22.72
N ASN A 304 10.26 0.50 23.14
CA ASN A 304 9.88 1.75 23.79
C ASN A 304 10.37 2.96 23.00
N ALA A 305 10.47 2.83 21.68
CA ALA A 305 11.03 3.87 20.83
C ALA A 305 10.07 4.24 19.71
N THR A 306 9.98 5.53 19.42
CA THR A 306 9.19 5.98 18.27
C THR A 306 9.92 5.70 16.96
N PHE A 307 11.23 5.96 16.92
CA PHE A 307 12.03 5.80 15.72
C PHE A 307 13.22 4.89 16.03
N CYS A 308 13.62 4.10 15.04
CA CYS A 308 14.74 3.17 15.17
C CYS A 308 15.74 3.40 14.05
N LEU A 309 17.02 3.45 14.40
CA LEU A 309 18.07 3.60 13.41
C LEU A 309 18.44 2.26 12.83
N VAL A 310 18.69 2.22 11.51
CA VAL A 310 19.21 1.03 10.85
C VAL A 310 20.42 1.48 10.03
N PRO A 311 21.57 1.69 10.66
CA PRO A 311 22.73 2.20 9.93
C PRO A 311 23.50 1.08 9.24
N ARG A 312 24.40 1.49 8.37
CA ARG A 312 25.26 0.56 7.64
C ARG A 312 26.40 0.07 8.54
N GLY A 313 26.63 -1.24 8.53
CA GLY A 313 27.79 -1.81 9.19
C GLY A 313 28.82 -2.27 8.19
N ARG A 314 29.23 -3.53 8.29
CA ARG A 314 30.06 -4.11 7.24
C ARG A 314 29.30 -4.14 5.91
N ARG A 315 28.04 -4.51 5.94
CA ARG A 315 27.20 -4.57 4.76
C ARG A 315 26.06 -3.56 4.88
N LEU A 316 25.47 -3.23 3.73
CA LEU A 316 24.42 -2.21 3.70
C LEU A 316 23.21 -2.65 4.51
N GLY A 317 22.78 -3.90 4.37
CA GLY A 317 21.66 -4.39 5.13
C GLY A 317 22.04 -4.88 6.51
N SER A 318 21.02 -5.14 7.32
CA SER A 318 21.22 -5.62 8.67
C SER A 318 19.95 -6.29 9.15
N PHE A 319 20.09 -7.13 10.17
CA PHE A 319 18.95 -7.79 10.79
C PHE A 319 18.06 -6.84 11.56
N ARG A 320 18.57 -5.65 11.90
CA ARG A 320 17.82 -4.74 12.76
C ARG A 320 16.60 -4.21 12.03
N PHE A 321 16.65 -4.17 10.70
CA PHE A 321 15.54 -3.64 9.91
C PHE A 321 14.27 -4.48 10.12
N LEU A 322 14.39 -5.79 9.96
CA LEU A 322 13.24 -6.67 10.17
C LEU A 322 12.78 -6.64 11.62
N GLU A 323 13.70 -6.53 12.57
CA GLU A 323 13.30 -6.45 13.97
C GLU A 323 12.61 -5.12 14.28
N ALA A 324 12.98 -4.05 13.58
CA ALA A 324 12.33 -2.77 13.77
C ALA A 324 10.91 -2.79 13.21
N LEU A 325 10.73 -3.38 12.03
CA LEU A 325 9.37 -3.62 11.55
C LEU A 325 8.61 -4.56 12.46
N GLN A 326 9.31 -5.49 13.11
CA GLN A 326 8.67 -6.39 14.07
C GLN A 326 8.15 -5.62 15.27
N ALA A 327 8.95 -4.68 15.79
CA ALA A 327 8.59 -3.90 16.96
C ALA A 327 7.75 -2.68 16.62
N ALA A 328 7.41 -2.49 15.34
CA ALA A 328 6.56 -1.42 14.82
C ALA A 328 7.23 -0.05 14.87
N CYS A 329 8.42 0.07 15.43
CA CYS A 329 9.10 1.36 15.43
C CYS A 329 9.53 1.72 14.01
N VAL A 330 9.34 2.98 13.65
CA VAL A 330 9.60 3.45 12.29
C VAL A 330 11.10 3.47 12.04
N PRO A 331 11.59 2.71 11.07
CA PRO A 331 13.04 2.69 10.83
C PRO A 331 13.51 3.98 10.15
N VAL A 332 14.68 4.45 10.58
CA VAL A 332 15.35 5.57 9.94
C VAL A 332 16.66 5.07 9.35
N MET A 333 16.64 4.71 8.07
CA MET A 333 17.79 4.08 7.45
C MET A 333 18.93 5.08 7.26
N LEU A 334 20.13 4.66 7.60
CA LEU A 334 21.34 5.43 7.35
C LEU A 334 22.24 4.83 6.29
N SER A 335 21.92 3.63 5.80
CA SER A 335 22.72 2.97 4.78
C SER A 335 22.45 3.65 3.44
N ASN A 336 23.37 4.54 3.04
CA ASN A 336 23.20 5.26 1.79
C ASN A 336 23.29 4.31 0.60
N GLY A 337 22.43 4.53 -0.39
CA GLY A 337 22.45 3.73 -1.59
C GLY A 337 22.10 2.27 -1.37
N TRP A 338 21.06 2.00 -0.58
CA TRP A 338 20.58 0.66 -0.34
C TRP A 338 19.24 0.49 -1.02
N GLU A 339 19.15 -0.47 -1.94
CA GLU A 339 17.86 -0.87 -2.47
C GLU A 339 17.05 -1.54 -1.36
N LEU A 340 16.08 -0.81 -0.83
CA LEU A 340 15.25 -1.37 0.22
C LEU A 340 14.51 -2.60 -0.31
N PRO A 341 14.24 -3.58 0.55
CA PRO A 341 13.58 -4.81 0.09
C PRO A 341 12.33 -4.53 -0.72
N PHE A 342 12.36 -4.92 -2.00
CA PHE A 342 11.27 -4.68 -2.95
C PHE A 342 11.02 -3.18 -3.13
N SER A 343 12.11 -2.43 -3.30
CA SER A 343 11.99 -0.98 -3.45
C SER A 343 11.23 -0.61 -4.71
N GLU A 344 11.51 -1.30 -5.82
CA GLU A 344 10.82 -1.01 -7.07
C GLU A 344 9.37 -1.46 -7.05
N VAL A 345 8.94 -2.17 -6.01
CA VAL A 345 7.58 -2.66 -5.93
C VAL A 345 6.83 -2.13 -4.70
N ILE A 346 7.52 -1.80 -3.61
CA ILE A 346 6.90 -1.34 -2.38
C ILE A 346 7.39 0.08 -2.09
N ASN A 347 6.46 0.98 -1.77
CA ASN A 347 6.79 2.37 -1.44
C ASN A 347 7.27 2.43 0.00
N TRP A 348 8.54 2.76 0.20
CA TRP A 348 9.13 2.83 1.53
C TRP A 348 9.04 4.21 2.15
N ASN A 349 8.58 5.23 1.40
CA ASN A 349 8.26 6.51 2.01
C ASN A 349 6.99 6.45 2.83
N GLN A 350 6.22 5.37 2.71
CA GLN A 350 4.96 5.21 3.42
C GLN A 350 5.10 4.41 4.71
N ALA A 351 6.18 3.65 4.86
CA ALA A 351 6.38 2.82 6.04
C ALA A 351 7.67 3.11 6.78
N ALA A 352 8.51 4.01 6.28
CA ALA A 352 9.80 4.26 6.90
C ALA A 352 10.29 5.65 6.54
N VAL A 353 11.23 6.14 7.33
CA VAL A 353 11.88 7.43 7.09
C VAL A 353 13.26 7.14 6.52
N ILE A 354 13.50 7.61 5.30
CA ILE A 354 14.78 7.40 4.62
C ILE A 354 15.65 8.62 4.87
N GLY A 355 16.74 8.43 5.61
CA GLY A 355 17.64 9.51 5.94
C GLY A 355 18.98 9.32 5.26
N ASP A 356 19.72 10.41 5.14
CA ASP A 356 21.05 10.39 4.54
C ASP A 356 22.10 10.46 5.64
N GLU A 357 23.05 9.53 5.61
CA GLU A 357 24.09 9.48 6.62
C GLU A 357 25.01 10.69 6.58
N ARG A 358 25.05 11.42 5.45
CA ARG A 358 25.89 12.60 5.39
C ARG A 358 25.40 13.68 6.35
N LEU A 359 24.09 13.87 6.45
CA LEU A 359 23.51 14.76 7.44
C LEU A 359 23.04 13.96 8.66
N LEU A 360 24.00 13.31 9.31
CA LEU A 360 23.69 12.54 10.51
C LEU A 360 23.33 13.46 11.68
N LEU A 361 24.00 14.60 11.79
CA LEU A 361 23.80 15.49 12.92
C LEU A 361 22.40 16.07 12.93
N GLN A 362 21.86 16.41 11.76
CA GLN A 362 20.57 17.08 11.65
C GLN A 362 19.39 16.12 11.68
N ILE A 363 19.64 14.83 11.89
CA ILE A 363 18.55 13.85 11.89
C ILE A 363 17.52 14.10 12.97
N PRO A 364 17.88 14.30 14.25
CA PRO A 364 16.84 14.39 15.29
C PRO A 364 15.86 15.54 15.08
N SER A 365 16.32 16.67 14.54
CA SER A 365 15.39 17.76 14.24
C SER A 365 14.36 17.33 13.21
N THR A 366 14.80 16.64 12.15
CA THR A 366 13.87 16.14 11.15
C THR A 366 12.90 15.13 11.75
N ILE A 367 13.41 14.27 12.64
CA ILE A 367 12.55 13.28 13.29
C ILE A 367 11.49 13.98 14.14
N ARG A 368 11.88 15.01 14.87
CA ARG A 368 10.91 15.77 15.68
C ARG A 368 9.90 16.48 14.79
N SER A 369 10.35 17.00 13.65
CA SER A 369 9.47 17.74 12.75
C SER A 369 8.39 16.89 12.11
N ILE A 370 8.51 15.56 12.20
CA ILE A 370 7.51 14.68 11.59
C ILE A 370 6.21 14.78 12.38
N HIS A 371 5.10 14.98 11.67
CA HIS A 371 3.82 15.19 12.31
C HIS A 371 3.32 13.91 12.96
N GLN A 372 2.41 14.09 13.93
CA GLN A 372 1.88 12.96 14.69
C GLN A 372 1.06 12.03 13.81
N ASP A 373 0.22 12.58 12.93
CA ASP A 373 -0.54 11.75 12.01
C ASP A 373 0.38 11.00 11.05
N LYS A 374 1.45 11.66 10.61
CA LYS A 374 2.46 10.98 9.79
C LYS A 374 3.09 9.82 10.55
N ILE A 375 3.39 10.03 11.83
CA ILE A 375 3.95 8.96 12.64
C ILE A 375 2.98 7.78 12.74
N LEU A 376 1.70 8.08 12.95
CA LEU A 376 0.70 7.02 13.03
C LEU A 376 0.64 6.23 11.73
N ALA A 377 0.60 6.94 10.60
CA ALA A 377 0.53 6.26 9.30
C ALA A 377 1.78 5.41 9.06
N LEU A 378 2.96 5.97 9.36
CA LEU A 378 4.20 5.22 9.15
C LEU A 378 4.25 3.97 10.02
N ARG A 379 3.84 4.08 11.29
CA ARG A 379 3.84 2.94 12.18
C ARG A 379 2.90 1.85 11.68
N GLN A 380 1.69 2.24 11.28
CA GLN A 380 0.71 1.26 10.82
C GLN A 380 1.18 0.58 9.53
N GLN A 381 1.75 1.37 8.61
CA GLN A 381 2.24 0.82 7.36
C GLN A 381 3.43 -0.11 7.59
N THR A 382 4.28 0.23 8.56
CA THR A 382 5.39 -0.64 8.92
C THR A 382 4.88 -1.98 9.43
N GLN A 383 3.88 -1.95 10.31
CA GLN A 383 3.29 -3.19 10.79
C GLN A 383 2.70 -4.02 9.66
N PHE A 384 1.97 -3.36 8.75
CA PHE A 384 1.36 -4.08 7.64
C PHE A 384 2.41 -4.72 6.74
N LEU A 385 3.47 -3.96 6.42
CA LEU A 385 4.52 -4.50 5.57
C LEU A 385 5.21 -5.69 6.22
N TRP A 386 5.54 -5.59 7.50
CA TRP A 386 6.17 -6.73 8.18
C TRP A 386 5.25 -7.94 8.16
N GLU A 387 3.96 -7.74 8.46
CA GLU A 387 3.06 -8.87 8.60
C GLU A 387 2.64 -9.45 7.25
N ALA A 388 2.84 -8.70 6.17
CA ALA A 388 2.43 -9.15 4.84
C ALA A 388 3.56 -9.74 4.02
N TYR A 389 4.77 -9.20 4.10
CA TYR A 389 5.86 -9.64 3.23
C TYR A 389 7.09 -10.18 3.93
N PHE A 390 7.43 -9.69 5.12
CA PHE A 390 8.70 -10.00 5.75
C PHE A 390 8.57 -10.94 6.94
N SER A 391 7.38 -11.50 7.18
CA SER A 391 7.18 -12.29 8.39
C SER A 391 7.95 -13.61 8.34
N SER A 392 7.92 -14.29 7.20
CA SER A 392 8.53 -15.62 7.09
C SER A 392 9.33 -15.70 5.79
N VAL A 393 10.18 -16.73 5.71
CA VAL A 393 10.96 -16.95 4.50
C VAL A 393 10.07 -17.30 3.32
N GLU A 394 8.97 -18.02 3.59
CA GLU A 394 8.02 -18.33 2.53
C GLU A 394 7.43 -17.06 1.94
N LYS A 395 7.09 -16.08 2.79
CA LYS A 395 6.54 -14.83 2.28
C LYS A 395 7.55 -14.10 1.41
N ILE A 396 8.82 -14.09 1.82
CA ILE A 396 9.86 -13.43 1.04
C ILE A 396 10.01 -14.10 -0.32
N VAL A 397 10.06 -15.44 -0.32
CA VAL A 397 10.27 -16.19 -1.56
C VAL A 397 9.10 -15.96 -2.52
N LEU A 398 7.87 -16.06 -2.00
CA LEU A 398 6.72 -15.84 -2.86
C LEU A 398 6.62 -14.40 -3.34
N THR A 399 7.04 -13.43 -2.51
CA THR A 399 7.06 -12.04 -2.95
C THR A 399 8.03 -11.86 -4.11
N THR A 400 9.23 -12.44 -3.99
CA THR A 400 10.19 -12.36 -5.08
C THR A 400 9.66 -13.02 -6.34
N LEU A 401 9.05 -14.20 -6.19
CA LEU A 401 8.53 -14.92 -7.35
C LEU A 401 7.42 -14.15 -8.04
N GLU A 402 6.51 -13.54 -7.26
CA GLU A 402 5.42 -12.79 -7.86
C GLU A 402 5.92 -11.49 -8.48
N ILE A 403 6.96 -10.88 -7.90
CA ILE A 403 7.55 -9.70 -8.51
C ILE A 403 8.15 -10.06 -9.87
N ILE A 404 8.84 -11.21 -9.95
CA ILE A 404 9.35 -11.67 -11.23
C ILE A 404 8.21 -11.93 -12.21
N GLN A 405 7.13 -12.57 -11.72
CA GLN A 405 6.02 -12.92 -12.60
C GLN A 405 5.34 -11.68 -13.17
N ASP A 406 5.26 -10.61 -12.36
CA ASP A 406 4.56 -9.41 -12.80
C ASP A 406 5.23 -8.74 -14.00
N ARG A 407 6.47 -9.09 -14.30
CA ARG A 407 7.20 -8.47 -15.40
C ARG A 407 7.11 -9.25 -16.69
N ILE A 408 6.38 -10.37 -16.72
CA ILE A 408 6.22 -11.13 -17.95
C ILE A 408 5.18 -10.48 -18.84
N PHE A 409 3.94 -10.38 -18.36
CA PHE A 409 2.86 -9.70 -19.06
C PHE A 409 2.69 -8.33 -18.43
N LYS A 410 3.03 -7.28 -19.18
CA LYS A 410 2.92 -5.92 -18.65
C LYS A 410 1.48 -5.48 -18.50
N HIS A 411 0.54 -6.15 -19.17
CA HIS A 411 -0.88 -5.84 -19.03
C HIS A 411 -1.58 -6.70 -17.98
N ILE A 412 -0.92 -7.73 -17.48
CA ILE A 412 -1.45 -8.56 -16.40
C ILE A 412 -0.40 -8.55 -15.30
N SER A 413 -0.51 -7.61 -14.37
CA SER A 413 0.39 -7.50 -13.23
C SER A 413 -0.25 -6.54 -12.22
N ARG A 414 0.33 -6.47 -11.03
CA ARG A 414 -0.21 -5.65 -9.96
C ARG A 414 0.29 -4.23 -10.09
N ASN A 415 -0.54 -3.28 -9.67
CA ASN A 415 -0.19 -1.87 -9.76
C ASN A 415 0.49 -1.42 -8.46
N SER A 416 0.84 -0.13 -8.40
CA SER A 416 1.55 0.42 -7.25
C SER A 416 0.66 0.54 -6.02
N LEU A 417 -0.65 0.36 -6.14
CA LEU A 417 -1.55 0.49 -5.01
C LEU A 417 -1.82 -0.84 -4.33
N ILE A 418 -1.83 -1.94 -5.10
CA ILE A 418 -2.06 -3.26 -4.51
C ILE A 418 -0.95 -3.62 -3.54
N TRP A 419 0.30 -3.37 -3.93
CA TRP A 419 1.43 -3.77 -3.10
C TRP A 419 1.49 -2.96 -1.81
N ASN A 420 1.16 -1.67 -1.86
CA ASN A 420 1.28 -0.79 -0.71
C ASN A 420 -0.04 -0.57 0.00
N LYS A 421 -0.92 -1.57 -0.01
CA LYS A 421 -2.20 -1.47 0.68
C LYS A 421 -2.66 -2.88 1.06
N HIS A 422 -3.55 -2.93 2.03
CA HIS A 422 -4.12 -4.20 2.45
C HIS A 422 -4.86 -4.85 1.27
N PRO A 423 -4.79 -6.17 1.12
CA PRO A 423 -4.06 -7.15 1.95
C PRO A 423 -2.61 -7.37 1.53
N GLY A 424 -2.24 -6.83 0.38
CA GLY A 424 -0.90 -7.02 -0.16
C GLY A 424 -0.91 -7.81 -1.45
N GLY A 425 0.25 -7.80 -2.10
CA GLY A 425 0.37 -8.43 -3.41
C GLY A 425 0.33 -9.95 -3.38
N LEU A 426 0.70 -10.56 -2.26
CA LEU A 426 0.71 -12.02 -2.20
C LEU A 426 -0.68 -12.61 -2.30
N PHE A 427 -1.69 -11.90 -1.80
CA PHE A 427 -3.06 -12.38 -1.83
C PHE A 427 -3.87 -11.77 -2.96
N VAL A 428 -3.29 -10.88 -3.75
CA VAL A 428 -3.96 -10.26 -4.89
C VAL A 428 -3.31 -10.80 -6.15
N LEU A 429 -4.05 -11.59 -6.91
CA LEU A 429 -3.52 -12.19 -8.13
C LEU A 429 -4.01 -11.42 -9.33
N PRO A 430 -3.12 -10.78 -10.10
CA PRO A 430 -3.59 -10.01 -11.26
C PRO A 430 -4.06 -10.86 -12.42
N GLN A 431 -3.74 -12.15 -12.43
CA GLN A 431 -4.24 -13.03 -13.49
C GLN A 431 -5.75 -13.12 -13.49
N TYR A 432 -6.37 -12.96 -12.31
CA TYR A 432 -7.82 -12.88 -12.24
C TYR A 432 -8.33 -11.60 -12.90
N SER A 433 -7.74 -10.46 -12.53
CA SER A 433 -8.06 -9.17 -13.12
C SER A 433 -7.06 -8.14 -12.60
N SER A 434 -6.68 -7.20 -13.47
CA SER A 434 -5.83 -6.10 -13.07
C SER A 434 -6.63 -4.87 -12.67
N TYR A 435 -7.96 -4.96 -12.66
CA TYR A 435 -8.83 -3.86 -12.30
C TYR A 435 -9.06 -3.85 -10.80
N LEU A 436 -8.78 -2.71 -10.16
CA LEU A 436 -8.89 -2.61 -8.71
C LEU A 436 -10.31 -2.84 -8.24
N GLY A 437 -11.31 -2.43 -9.02
CA GLY A 437 -12.69 -2.61 -8.64
C GLY A 437 -13.18 -4.04 -8.72
N ASP A 438 -12.37 -4.95 -9.30
CA ASP A 438 -12.72 -6.36 -9.33
C ASP A 438 -12.36 -7.08 -8.04
N PHE A 439 -11.78 -6.38 -7.08
CA PHE A 439 -11.40 -6.90 -5.78
C PHE A 439 -12.25 -6.26 -4.69
N PRO A 440 -12.51 -6.97 -3.59
CA PRO A 440 -13.31 -6.39 -2.50
C PRO A 440 -12.53 -5.50 -1.56
N TYR A 441 -11.23 -5.33 -1.75
CA TYR A 441 -10.39 -4.63 -0.78
C TYR A 441 -10.21 -3.16 -1.06
N TYR A 442 -10.73 -2.65 -2.19
CA TYR A 442 -10.33 -1.33 -2.67
C TYR A 442 -11.53 -0.43 -2.97
N TYR A 443 -12.71 -0.76 -2.45
CA TYR A 443 -13.88 0.08 -2.68
C TYR A 443 -13.70 1.45 -2.03
N ALA A 444 -13.15 1.49 -0.80
CA ALA A 444 -13.00 2.75 -0.09
C ALA A 444 -11.89 3.60 -0.68
N ASN A 445 -10.79 2.97 -1.12
CA ASN A 445 -9.70 3.74 -1.69
C ASN A 445 -10.12 4.43 -2.97
N LEU A 446 -10.92 3.77 -3.79
CA LEU A 446 -11.54 4.39 -4.95
C LEU A 446 -12.87 4.99 -4.53
N GLY A 447 -13.68 5.39 -5.50
CA GLY A 447 -14.97 5.99 -5.19
C GLY A 447 -16.15 5.19 -5.70
N LEU A 448 -16.08 3.87 -5.62
CA LEU A 448 -17.14 2.99 -6.11
C LEU A 448 -17.78 2.25 -4.94
N LYS A 449 -19.11 2.20 -4.95
CA LYS A 449 -19.85 1.41 -3.99
C LYS A 449 -19.69 -0.08 -4.31
N PRO A 450 -19.94 -0.95 -3.33
CA PRO A 450 -19.93 -2.38 -3.61
C PRO A 450 -21.02 -2.74 -4.58
N PRO A 451 -20.84 -3.80 -5.37
CA PRO A 451 -21.85 -4.16 -6.38
C PRO A 451 -23.20 -4.44 -5.76
N SER A 452 -24.25 -4.01 -6.47
CA SER A 452 -25.62 -4.14 -5.97
C SER A 452 -26.25 -5.49 -6.30
N LYS A 453 -25.62 -6.30 -7.16
CA LYS A 453 -26.16 -7.58 -7.57
C LYS A 453 -25.26 -8.70 -7.08
N PHE A 454 -25.85 -9.85 -6.80
CA PHE A 454 -25.11 -11.03 -6.36
C PHE A 454 -25.56 -12.25 -7.14
N THR A 455 -24.65 -13.21 -7.26
CA THR A 455 -24.90 -14.46 -7.97
C THR A 455 -24.98 -15.60 -6.98
N ALA A 456 -26.04 -16.40 -7.09
CA ALA A 456 -26.24 -17.53 -6.18
C ALA A 456 -25.66 -18.80 -6.80
N VAL A 457 -24.77 -19.45 -6.06
CA VAL A 457 -24.16 -20.71 -6.47
C VAL A 457 -24.64 -21.78 -5.51
N ILE A 458 -25.36 -22.77 -6.04
CA ILE A 458 -25.93 -23.86 -5.25
C ILE A 458 -25.30 -25.17 -5.72
N HIS A 459 -24.76 -25.93 -4.79
CA HIS A 459 -24.18 -27.23 -5.08
C HIS A 459 -25.13 -28.32 -4.61
N ALA A 460 -25.49 -29.22 -5.51
CA ALA A 460 -26.43 -30.29 -5.23
C ALA A 460 -25.75 -31.64 -5.43
N VAL A 461 -26.09 -32.60 -4.58
CA VAL A 461 -25.52 -33.94 -4.66
C VAL A 461 -26.58 -34.93 -5.13
N GLN A 469 -39.45 -31.31 -2.52
CA GLN A 469 -38.08 -31.32 -2.00
C GLN A 469 -37.69 -29.95 -1.47
N PRO A 470 -36.84 -29.93 -0.43
CA PRO A 470 -36.40 -28.63 0.12
C PRO A 470 -35.69 -27.74 -0.88
N VAL A 471 -34.95 -28.33 -1.84
CA VAL A 471 -34.21 -27.53 -2.80
C VAL A 471 -35.17 -26.76 -3.71
N LEU A 472 -36.30 -27.39 -4.07
CA LEU A 472 -37.27 -26.72 -4.93
C LEU A 472 -37.84 -25.48 -4.26
N LYS A 473 -38.18 -25.57 -2.97
CA LYS A 473 -38.63 -24.39 -2.23
C LYS A 473 -37.48 -23.43 -1.99
N LEU A 474 -36.28 -23.96 -1.77
CA LEU A 474 -35.13 -23.11 -1.52
C LEU A 474 -34.78 -22.26 -2.74
N LEU A 475 -34.85 -22.87 -3.94
CA LEU A 475 -34.48 -22.14 -5.15
C LEU A 475 -35.43 -20.98 -5.40
N VAL A 476 -36.72 -21.18 -5.18
CA VAL A 476 -37.69 -20.11 -5.40
C VAL A 476 -37.45 -18.96 -4.43
N ALA A 477 -37.18 -19.27 -3.16
CA ALA A 477 -36.96 -18.22 -2.17
C ALA A 477 -35.74 -17.37 -2.51
N ALA A 478 -34.65 -18.00 -2.94
CA ALA A 478 -33.44 -17.26 -3.27
C ALA A 478 -33.62 -16.44 -4.53
N ALA A 479 -34.49 -16.87 -5.45
CA ALA A 479 -34.70 -16.13 -6.69
C ALA A 479 -35.51 -14.86 -6.47
N LYS A 480 -36.41 -14.86 -5.48
CA LYS A 480 -37.27 -13.71 -5.23
C LYS A 480 -36.52 -12.50 -4.72
N SER A 481 -35.25 -12.65 -4.33
CA SER A 481 -34.48 -11.53 -3.82
C SER A 481 -34.32 -10.46 -4.89
N GLN A 482 -34.42 -9.20 -4.47
CA GLN A 482 -34.30 -8.09 -5.41
C GLN A 482 -32.88 -7.88 -5.89
N TYR A 483 -31.89 -8.36 -5.14
CA TYR A 483 -30.49 -8.24 -5.53
C TYR A 483 -29.99 -9.45 -6.32
N CYS A 484 -30.82 -10.48 -6.49
CA CYS A 484 -30.40 -11.69 -7.17
C CYS A 484 -30.41 -11.48 -8.68
N ALA A 485 -29.29 -11.75 -9.33
CA ALA A 485 -29.16 -11.62 -10.77
C ALA A 485 -29.33 -12.95 -11.49
N GLN A 486 -28.67 -14.00 -11.02
CA GLN A 486 -28.79 -15.32 -11.64
C GLN A 486 -28.51 -16.38 -10.59
N ILE A 487 -28.96 -17.60 -10.89
CA ILE A 487 -28.80 -18.73 -9.99
C ILE A 487 -28.08 -19.84 -10.75
N ILE A 488 -27.01 -20.36 -10.16
CA ILE A 488 -26.23 -21.45 -10.73
C ILE A 488 -26.37 -22.67 -9.83
N VAL A 489 -26.78 -23.78 -10.41
CA VAL A 489 -26.97 -25.04 -9.67
C VAL A 489 -25.87 -26.01 -10.10
N LEU A 490 -25.12 -26.51 -9.13
CA LEU A 490 -24.02 -27.43 -9.38
C LEU A 490 -24.49 -28.85 -9.12
N TRP A 491 -24.43 -29.69 -10.15
CA TRP A 491 -24.80 -31.10 -10.04
C TRP A 491 -23.57 -31.95 -10.28
N ASN A 492 -23.26 -32.84 -9.34
CA ASN A 492 -22.09 -33.70 -9.44
C ASN A 492 -22.48 -35.13 -9.81
N SER A 521 -15.30 -30.46 -3.68
CA SER A 521 -14.64 -29.17 -3.57
C SER A 521 -14.76 -28.35 -4.83
N SER A 522 -15.68 -28.71 -5.72
CA SER A 522 -15.88 -27.99 -6.97
C SER A 522 -16.69 -26.72 -6.81
N ARG A 523 -17.25 -26.48 -5.63
CA ARG A 523 -18.05 -25.28 -5.40
C ARG A 523 -17.22 -23.99 -5.43
N PHE A 524 -15.91 -24.10 -5.33
CA PHE A 524 -15.04 -22.92 -5.19
C PHE A 524 -14.28 -22.57 -6.46
N LEU A 525 -14.47 -23.32 -7.55
CA LEU A 525 -13.81 -22.97 -8.79
C LEU A 525 -14.48 -21.75 -9.43
N PRO A 526 -13.71 -20.86 -10.05
CA PRO A 526 -14.32 -19.72 -10.75
C PRO A 526 -15.13 -20.17 -11.95
N TYR A 527 -16.21 -19.46 -12.22
CA TYR A 527 -17.08 -19.74 -13.36
C TYR A 527 -17.29 -18.46 -14.15
N ASP A 528 -17.13 -18.56 -15.48
CA ASP A 528 -17.40 -17.42 -16.34
C ASP A 528 -18.87 -17.04 -16.36
N ASN A 529 -19.76 -17.96 -15.98
CA ASN A 529 -21.18 -17.67 -15.96
C ASN A 529 -21.55 -16.66 -14.88
N ILE A 530 -20.70 -16.47 -13.88
CA ILE A 530 -20.98 -15.52 -12.80
C ILE A 530 -20.62 -14.13 -13.28
N ILE A 531 -21.62 -13.25 -13.34
CA ILE A 531 -21.42 -11.87 -13.79
C ILE A 531 -21.16 -10.95 -12.61
N THR A 532 -21.90 -11.13 -11.52
CA THR A 532 -21.76 -10.26 -10.36
C THR A 532 -20.48 -10.58 -9.59
N ASP A 533 -19.99 -9.59 -8.84
CA ASP A 533 -18.79 -9.77 -8.05
C ASP A 533 -19.08 -10.40 -6.69
N ALA A 534 -20.35 -10.53 -6.31
CA ALA A 534 -20.73 -11.15 -5.05
C ALA A 534 -21.30 -12.54 -5.32
N VAL A 535 -20.83 -13.52 -4.55
CA VAL A 535 -21.22 -14.91 -4.72
C VAL A 535 -21.86 -15.40 -3.43
N LEU A 536 -23.06 -15.96 -3.55
CA LEU A 536 -23.79 -16.56 -2.42
C LEU A 536 -23.73 -18.07 -2.60
N SER A 537 -22.85 -18.72 -1.85
CA SER A 537 -22.76 -20.17 -1.86
C SER A 537 -23.82 -20.73 -0.92
N LEU A 538 -24.74 -21.53 -1.47
CA LEU A 538 -25.86 -22.05 -0.70
C LEU A 538 -25.90 -23.57 -0.84
N ASP A 539 -25.92 -24.26 0.30
CA ASP A 539 -26.05 -25.71 0.28
C ASP A 539 -27.50 -26.12 0.04
N GLU A 540 -27.68 -27.35 -0.44
CA GLU A 540 -29.02 -27.81 -0.78
C GLU A 540 -29.86 -28.07 0.46
N ASP A 541 -29.25 -28.30 1.62
CA ASP A 541 -29.96 -28.64 2.83
C ASP A 541 -30.09 -27.48 3.82
N THR A 542 -29.79 -26.25 3.40
CA THR A 542 -29.85 -25.09 4.27
C THR A 542 -31.03 -24.22 3.86
N VAL A 543 -32.06 -24.20 4.69
CA VAL A 543 -33.24 -23.38 4.44
C VAL A 543 -32.88 -21.92 4.70
N LEU A 544 -33.15 -21.05 3.72
CA LEU A 544 -32.71 -19.66 3.77
C LEU A 544 -33.79 -18.81 3.12
N SER A 545 -34.40 -17.93 3.90
CA SER A 545 -35.55 -17.14 3.43
C SER A 545 -35.09 -15.97 2.57
N THR A 546 -36.04 -15.42 1.81
CA THR A 546 -35.73 -14.34 0.86
C THR A 546 -35.30 -13.07 1.59
N THR A 547 -36.09 -12.62 2.56
CA THR A 547 -35.71 -11.45 3.34
C THR A 547 -34.40 -11.71 4.08
N GLU A 548 -34.18 -12.95 4.51
CA GLU A 548 -32.92 -13.30 5.17
C GLU A 548 -31.75 -13.16 4.21
N VAL A 549 -31.93 -13.59 2.95
CA VAL A 549 -30.91 -13.39 1.93
C VAL A 549 -30.65 -11.91 1.71
N ASP A 550 -31.71 -11.11 1.63
CA ASP A 550 -31.56 -9.68 1.41
C ASP A 550 -30.78 -9.04 2.54
N PHE A 551 -31.10 -9.39 3.79
CA PHE A 551 -30.37 -8.85 4.92
C PHE A 551 -28.91 -9.26 4.89
N ALA A 552 -28.64 -10.52 4.56
CA ALA A 552 -27.25 -10.98 4.48
C ALA A 552 -26.49 -10.19 3.43
N PHE A 553 -27.10 -9.97 2.26
CA PHE A 553 -26.42 -9.22 1.20
C PHE A 553 -26.19 -7.77 1.60
N THR A 554 -27.17 -7.15 2.26
CA THR A 554 -26.98 -5.76 2.69
C THR A 554 -25.88 -5.66 3.72
N VAL A 555 -25.79 -6.62 4.65
CA VAL A 555 -24.70 -6.63 5.60
C VAL A 555 -23.36 -6.81 4.89
N TRP A 556 -23.31 -7.73 3.92
CA TRP A 556 -22.08 -7.92 3.15
C TRP A 556 -21.68 -6.66 2.41
N GLN A 557 -22.66 -5.85 2.01
CA GLN A 557 -22.35 -4.61 1.29
C GLN A 557 -21.52 -3.67 2.14
N SER A 558 -21.68 -3.71 3.47
CA SER A 558 -20.88 -2.87 4.34
C SER A 558 -19.50 -3.47 4.62
N PHE A 559 -19.38 -4.80 4.55
CA PHE A 559 -18.11 -5.50 4.77
C PHE A 559 -17.87 -6.44 3.60
N PRO A 560 -17.43 -5.91 2.46
CA PRO A 560 -17.25 -6.77 1.28
C PRO A 560 -16.06 -7.71 1.38
N GLU A 561 -15.08 -7.42 2.24
CA GLU A 561 -13.87 -8.24 2.31
C GLU A 561 -14.08 -9.55 3.06
N ARG A 562 -15.16 -9.67 3.84
CA ARG A 562 -15.34 -10.77 4.76
C ARG A 562 -16.36 -11.77 4.23
N ILE A 563 -16.68 -12.74 5.07
CA ILE A 563 -17.75 -13.70 4.79
C ILE A 563 -18.90 -13.39 5.74
N VAL A 564 -20.06 -13.10 5.18
CA VAL A 564 -21.27 -12.86 5.96
C VAL A 564 -22.13 -14.10 5.83
N GLY A 565 -22.33 -14.82 6.94
CA GLY A 565 -23.06 -16.07 6.89
C GLY A 565 -23.64 -16.41 8.25
N TYR A 566 -24.70 -17.21 8.20
CA TYR A 566 -25.48 -17.57 9.37
C TYR A 566 -24.84 -18.70 10.19
N PRO A 567 -24.48 -19.86 9.60
CA PRO A 567 -23.91 -20.94 10.41
C PRO A 567 -22.46 -20.66 10.77
N ALA A 568 -22.20 -20.52 12.07
CA ALA A 568 -20.87 -20.15 12.56
C ALA A 568 -20.34 -21.22 13.50
N ARG A 569 -19.05 -21.51 13.38
CA ARG A 569 -18.38 -22.51 14.21
C ARG A 569 -17.09 -21.91 14.78
N SER A 570 -16.70 -22.42 15.95
CA SER A 570 -15.57 -21.88 16.70
C SER A 570 -14.42 -22.87 16.72
N HIS A 571 -13.26 -22.38 17.18
CA HIS A 571 -12.06 -23.20 17.31
C HIS A 571 -11.46 -23.00 18.69
N PHE A 572 -10.70 -24.01 19.14
CA PHE A 572 -10.10 -23.97 20.46
C PHE A 572 -8.76 -24.70 20.42
N TRP A 573 -8.03 -24.59 21.53
CA TRP A 573 -6.73 -25.22 21.69
C TRP A 573 -6.82 -26.27 22.79
N ASP A 574 -6.35 -27.49 22.49
CA ASP A 574 -6.35 -28.59 23.44
C ASP A 574 -4.96 -28.71 24.04
N ASN A 575 -4.88 -28.61 25.37
CA ASN A 575 -3.60 -28.80 26.07
C ASN A 575 -3.27 -30.27 26.29
N SER A 576 -4.28 -31.14 26.32
CA SER A 576 -4.03 -32.56 26.53
C SER A 576 -3.26 -33.16 25.35
N LYS A 577 -3.61 -32.79 24.13
CA LYS A 577 -3.00 -33.36 22.94
C LYS A 577 -2.22 -32.35 22.10
N GLU A 578 -2.16 -31.09 22.52
CA GLU A 578 -1.42 -30.04 21.81
C GLU A 578 -1.88 -29.92 20.36
N ARG A 579 -3.19 -30.03 20.14
CA ARG A 579 -3.77 -29.99 18.81
C ARG A 579 -4.95 -29.02 18.79
N TRP A 580 -5.16 -28.39 17.64
CA TRP A 580 -6.29 -27.50 17.47
C TRP A 580 -7.59 -28.29 17.37
N GLY A 581 -8.67 -27.68 17.85
CA GLY A 581 -9.96 -28.35 17.94
C GLY A 581 -11.04 -27.62 17.17
N TYR A 582 -12.17 -28.31 17.02
CA TYR A 582 -13.31 -27.81 16.26
C TYR A 582 -14.54 -27.85 17.16
N THR A 583 -15.21 -26.70 17.30
CA THR A 583 -16.39 -26.57 18.14
C THR A 583 -17.63 -26.47 17.27
N SER A 584 -18.58 -27.38 17.49
CA SER A 584 -19.88 -27.33 16.84
C SER A 584 -21.01 -26.96 17.80
N LYS A 585 -20.67 -26.57 19.03
CA LYS A 585 -21.65 -26.26 20.06
C LYS A 585 -21.77 -24.75 20.25
N TRP A 586 -22.91 -24.33 20.79
CA TRP A 586 -23.17 -22.92 21.02
C TRP A 586 -22.26 -22.40 22.13
N THR A 587 -21.34 -21.52 21.76
CA THR A 587 -20.44 -20.86 22.70
C THR A 587 -20.56 -19.35 22.54
N ASN A 588 -20.07 -18.63 23.54
CA ASN A 588 -20.07 -17.17 23.49
C ASN A 588 -18.82 -16.64 22.79
N ASP A 589 -18.54 -17.20 21.61
CA ASP A 589 -17.36 -16.91 20.82
C ASP A 589 -17.46 -17.72 19.53
N TYR A 590 -16.82 -17.23 18.48
CA TYR A 590 -16.77 -17.93 17.20
C TYR A 590 -15.67 -17.34 16.36
N SER A 591 -15.11 -18.16 15.47
CA SER A 591 -14.05 -17.69 14.57
C SER A 591 -14.20 -18.13 13.13
N MET A 592 -15.15 -19.01 12.80
CA MET A 592 -15.36 -19.45 11.44
C MET A 592 -16.85 -19.44 11.11
N VAL A 593 -17.16 -19.14 9.85
CA VAL A 593 -18.53 -19.19 9.35
C VAL A 593 -18.54 -20.11 8.14
N LEU A 594 -19.48 -21.05 8.13
CA LEU A 594 -19.54 -22.03 7.05
C LEU A 594 -20.05 -21.38 5.77
N THR A 595 -19.48 -21.82 4.64
CA THR A 595 -19.87 -21.33 3.34
C THR A 595 -21.18 -21.92 2.85
N GLY A 596 -21.84 -22.74 3.67
CA GLY A 596 -23.11 -23.31 3.28
C GLY A 596 -24.21 -22.29 3.11
N ALA A 597 -24.19 -21.22 3.90
CA ALA A 597 -25.19 -20.16 3.82
C ALA A 597 -24.53 -18.80 3.94
N ALA A 598 -23.42 -18.60 3.24
CA ALA A 598 -22.59 -17.42 3.41
C ALA A 598 -22.43 -16.68 2.09
N ILE A 599 -21.97 -15.44 2.19
CA ILE A 599 -21.76 -14.55 1.05
C ILE A 599 -20.33 -14.04 1.08
N TYR A 600 -19.66 -14.09 -0.07
CA TYR A 600 -18.29 -13.62 -0.17
C TYR A 600 -18.04 -13.15 -1.59
N HIS A 601 -16.96 -12.37 -1.74
CA HIS A 601 -16.61 -11.84 -3.05
C HIS A 601 -16.17 -12.96 -3.99
N LYS A 602 -16.36 -12.72 -5.29
CA LYS A 602 -16.04 -13.73 -6.29
C LYS A 602 -14.53 -14.01 -6.36
N TYR A 603 -13.71 -13.02 -5.99
CA TYR A 603 -12.26 -13.21 -6.07
C TYR A 603 -11.76 -14.31 -5.15
N TYR A 604 -12.49 -14.62 -4.08
CA TYR A 604 -12.05 -15.68 -3.19
C TYR A 604 -12.07 -17.04 -3.88
N HIS A 605 -12.96 -17.22 -4.86
CA HIS A 605 -12.95 -18.45 -5.64
C HIS A 605 -11.62 -18.60 -6.39
N TYR A 606 -11.19 -17.53 -7.07
CA TYR A 606 -9.93 -17.59 -7.79
C TYR A 606 -8.75 -17.76 -6.83
N LEU A 607 -8.81 -17.08 -5.67
CA LEU A 607 -7.74 -17.23 -4.70
C LEU A 607 -7.64 -18.66 -4.20
N TYR A 608 -8.79 -19.28 -3.90
CA TYR A 608 -8.80 -20.66 -3.46
C TYR A 608 -8.27 -21.59 -4.55
N SER A 609 -8.64 -21.34 -5.81
CA SER A 609 -8.26 -22.25 -6.88
C SER A 609 -6.81 -22.10 -7.31
N HIS A 610 -6.24 -20.90 -7.25
CA HIS A 610 -4.92 -20.67 -7.81
C HIS A 610 -3.87 -20.22 -6.80
N TYR A 611 -4.21 -20.13 -5.52
CA TYR A 611 -3.23 -19.78 -4.49
C TYR A 611 -2.93 -20.93 -3.56
N LEU A 612 -3.95 -21.58 -3.03
CA LEU A 612 -3.73 -22.75 -2.19
C LEU A 612 -3.15 -23.88 -3.04
N PRO A 613 -2.22 -24.66 -2.49
CA PRO A 613 -1.61 -25.73 -3.29
C PRO A 613 -2.48 -26.97 -3.36
N ALA A 614 -2.07 -27.88 -4.26
CA ALA A 614 -2.90 -29.04 -4.58
C ALA A 614 -3.07 -29.99 -3.40
N SER A 615 -2.10 -30.04 -2.49
CA SER A 615 -2.14 -31.05 -1.43
C SER A 615 -3.34 -30.85 -0.52
N LEU A 616 -3.61 -29.60 -0.12
CA LEU A 616 -4.73 -29.33 0.77
C LEU A 616 -6.06 -29.68 0.13
N LYS A 617 -6.24 -29.29 -1.14
CA LYS A 617 -7.50 -29.58 -1.81
C LYS A 617 -7.66 -31.07 -2.09
N ASN A 618 -6.54 -31.76 -2.35
CA ASN A 618 -6.59 -33.21 -2.53
C ASN A 618 -6.99 -33.90 -1.23
N MET A 619 -6.47 -33.44 -0.10
CA MET A 619 -6.90 -33.97 1.20
C MET A 619 -8.38 -33.70 1.43
N VAL A 620 -8.84 -32.50 1.06
CA VAL A 620 -10.26 -32.16 1.18
C VAL A 620 -11.11 -33.12 0.36
N ASP A 621 -10.69 -33.37 -0.88
CA ASP A 621 -11.45 -34.28 -1.75
C ASP A 621 -11.45 -35.70 -1.20
N GLN A 622 -10.30 -36.18 -0.73
CA GLN A 622 -10.21 -37.54 -0.22
C GLN A 622 -11.08 -37.72 1.03
N LEU A 623 -11.05 -36.74 1.94
CA LEU A 623 -11.87 -36.81 3.13
C LEU A 623 -13.33 -36.43 2.86
N ALA A 624 -13.59 -35.77 1.73
CA ALA A 624 -14.95 -35.37 1.33
C ALA A 624 -15.57 -34.42 2.35
N ASN A 625 -14.77 -33.50 2.86
CA ASN A 625 -15.24 -32.42 3.74
C ASN A 625 -14.12 -31.40 3.85
N CYS A 626 -14.29 -30.43 4.75
CA CYS A 626 -13.25 -29.49 5.18
C CYS A 626 -12.95 -28.41 4.14
N GLU A 627 -13.83 -28.23 3.14
CA GLU A 627 -13.59 -27.18 2.15
C GLU A 627 -13.92 -25.81 2.71
N ASP A 628 -15.01 -25.69 3.47
CA ASP A 628 -15.40 -24.39 4.02
C ASP A 628 -14.44 -23.94 5.11
N ILE A 629 -13.88 -24.88 5.87
CA ILE A 629 -12.91 -24.52 6.90
C ILE A 629 -11.68 -23.89 6.26
N LEU A 630 -11.19 -24.49 5.18
CA LEU A 630 -10.04 -23.92 4.49
C LEU A 630 -10.40 -22.62 3.80
N MET A 631 -11.65 -22.49 3.33
CA MET A 631 -12.09 -21.24 2.74
C MET A 631 -12.04 -20.12 3.77
N ASN A 632 -12.54 -20.40 4.98
CA ASN A 632 -12.49 -19.44 6.08
C ASN A 632 -11.05 -19.15 6.49
N PHE A 633 -10.19 -20.17 6.47
CA PHE A 633 -8.78 -19.96 6.76
C PHE A 633 -8.17 -18.96 5.78
N LEU A 634 -8.46 -19.14 4.50
CA LEU A 634 -7.93 -18.23 3.48
C LEU A 634 -8.47 -16.82 3.66
N VAL A 635 -9.77 -16.69 3.93
CA VAL A 635 -10.35 -15.37 4.11
C VAL A 635 -9.78 -14.67 5.33
N SER A 636 -9.62 -15.41 6.44
CA SER A 636 -9.06 -14.81 7.64
C SER A 636 -7.58 -14.47 7.47
N ALA A 637 -6.86 -15.24 6.65
CA ALA A 637 -5.47 -14.90 6.36
C ALA A 637 -5.37 -13.63 5.51
N VAL A 638 -6.21 -13.53 4.48
CA VAL A 638 -6.13 -12.37 3.59
C VAL A 638 -6.62 -11.11 4.29
N THR A 639 -7.72 -11.18 5.03
CA THR A 639 -8.32 -10.00 5.63
C THR A 639 -7.81 -9.72 7.04
N LYS A 640 -7.29 -10.72 7.73
CA LYS A 640 -6.80 -10.57 9.11
C LYS A 640 -7.91 -10.10 10.03
N LEU A 641 -9.15 -10.40 9.68
CA LEU A 641 -10.33 -10.03 10.44
C LEU A 641 -11.23 -11.24 10.61
N PRO A 642 -11.96 -11.32 11.72
CA PRO A 642 -12.86 -12.44 11.92
C PRO A 642 -14.05 -12.36 10.98
N PRO A 643 -14.68 -13.49 10.67
CA PRO A 643 -15.91 -13.46 9.87
C PRO A 643 -17.05 -12.84 10.66
N ILE A 644 -18.10 -12.47 9.94
CA ILE A 644 -19.24 -11.78 10.51
C ILE A 644 -20.46 -12.69 10.42
N LYS A 645 -21.05 -12.98 11.57
CA LYS A 645 -22.24 -13.82 11.66
C LYS A 645 -23.47 -12.94 11.80
N VAL A 646 -24.52 -13.29 11.07
CA VAL A 646 -25.78 -12.55 11.11
C VAL A 646 -26.90 -13.53 11.45
N THR A 647 -27.99 -12.97 12.00
CA THR A 647 -29.18 -13.74 12.31
C THR A 647 -30.40 -12.90 11.96
N GLN A 648 -31.57 -13.55 12.04
CA GLN A 648 -32.86 -12.89 11.79
C GLN A 648 -32.92 -12.22 10.41
N ASP A 670 -16.76 -40.27 13.42
CA ASP A 670 -15.68 -40.47 12.46
C ASP A 670 -15.50 -39.23 11.59
N HIS A 671 -16.61 -38.68 11.10
CA HIS A 671 -16.54 -37.47 10.30
C HIS A 671 -16.06 -36.28 11.14
N PHE A 672 -16.51 -36.19 12.39
CA PHE A 672 -16.10 -35.08 13.24
C PHE A 672 -14.61 -35.12 13.54
N ALA A 673 -14.05 -36.32 13.74
CA ALA A 673 -12.62 -36.45 14.00
C ALA A 673 -11.78 -36.01 12.81
N GLN A 674 -12.35 -36.00 11.61
CA GLN A 674 -11.60 -35.54 10.44
C GLN A 674 -11.41 -34.03 10.45
N ARG A 675 -12.33 -33.29 11.07
CA ARG A 675 -12.23 -31.84 11.12
C ARG A 675 -11.00 -31.40 11.89
N GLN A 676 -10.69 -32.08 13.00
CA GLN A 676 -9.51 -31.73 13.78
C GLN A 676 -8.23 -31.94 12.97
N SER A 677 -8.14 -33.05 12.24
CA SER A 677 -6.99 -33.30 11.40
C SER A 677 -6.88 -32.26 10.29
N CYS A 678 -8.02 -31.90 9.69
CA CYS A 678 -8.03 -30.85 8.67
C CYS A 678 -7.48 -29.56 9.23
N MET A 679 -7.96 -29.14 10.40
CA MET A 679 -7.51 -27.89 10.99
C MET A 679 -6.04 -27.96 11.34
N ASN A 680 -5.57 -29.10 11.85
CA ASN A 680 -4.17 -29.23 12.21
C ASN A 680 -3.27 -29.12 10.98
N THR A 681 -3.64 -29.80 9.89
CA THR A 681 -2.79 -29.73 8.70
C THR A 681 -2.85 -28.36 8.03
N PHE A 682 -4.02 -27.70 8.06
CA PHE A 682 -4.11 -26.34 7.54
C PHE A 682 -3.26 -25.40 8.36
N ALA A 683 -3.28 -25.55 9.69
CA ALA A 683 -2.43 -24.76 10.56
C ALA A 683 -0.95 -25.01 10.26
N SER A 684 -0.59 -26.27 10.03
CA SER A 684 0.79 -26.59 9.70
C SER A 684 1.22 -25.92 8.41
N TRP A 685 0.35 -25.93 7.40
CA TRP A 685 0.72 -25.30 6.13
C TRP A 685 0.80 -23.78 6.28
N PHE A 686 -0.20 -23.17 6.92
CA PHE A 686 -0.18 -21.72 7.10
C PHE A 686 0.94 -21.29 8.03
N GLY A 687 1.18 -22.06 9.09
CA GLY A 687 2.21 -21.75 10.05
C GLY A 687 1.74 -20.99 11.27
N TYR A 688 0.50 -20.52 11.29
CA TYR A 688 -0.05 -19.77 12.41
C TYR A 688 -1.57 -19.87 12.37
N MET A 689 -2.23 -19.02 13.15
CA MET A 689 -3.69 -18.91 13.13
C MET A 689 -4.12 -17.70 12.32
N PRO A 690 -4.57 -17.89 11.07
CA PRO A 690 -5.30 -16.80 10.41
C PRO A 690 -6.60 -16.48 11.13
N LEU A 691 -7.13 -17.42 11.89
CA LEU A 691 -8.41 -17.24 12.57
C LEU A 691 -8.29 -16.24 13.70
N ILE A 692 -9.27 -15.35 13.81
CA ILE A 692 -9.42 -14.46 14.95
C ILE A 692 -10.79 -14.72 15.57
N HIS A 693 -10.82 -14.91 16.89
CA HIS A 693 -12.08 -15.18 17.57
C HIS A 693 -12.99 -13.95 17.50
N SER A 694 -14.29 -14.20 17.29
CA SER A 694 -15.26 -13.13 17.17
C SER A 694 -16.41 -13.38 18.13
N GLN A 695 -17.04 -12.28 18.56
CA GLN A 695 -17.97 -12.33 19.68
C GLN A 695 -19.20 -11.47 19.51
N MET A 696 -19.46 -10.93 18.32
CA MET A 696 -20.65 -10.15 18.03
C MET A 696 -21.57 -10.93 17.09
N ARG A 697 -22.75 -10.36 16.83
CA ARG A 697 -23.72 -10.97 15.93
C ARG A 697 -24.60 -9.86 15.38
N LEU A 698 -24.39 -9.50 14.11
CA LEU A 698 -25.15 -8.42 13.50
C LEU A 698 -26.58 -8.86 13.21
N ASP A 699 -27.54 -8.03 13.65
CA ASP A 699 -28.95 -8.29 13.46
C ASP A 699 -29.65 -7.06 12.92
N PRO A 700 -30.78 -7.22 12.23
CA PRO A 700 -31.50 -6.06 11.73
C PRO A 700 -32.04 -5.20 12.87
N VAL A 701 -32.15 -3.91 12.59
CA VAL A 701 -32.64 -2.96 13.59
C VAL A 701 -34.16 -2.83 13.48
N SER B 31 37.92 25.61 -25.32
CA SER B 31 37.02 25.58 -24.17
C SER B 31 36.95 24.17 -23.58
N PRO B 32 36.97 24.08 -22.25
CA PRO B 32 36.91 22.76 -21.61
C PRO B 32 35.59 22.06 -21.84
N ILE B 33 35.63 20.73 -21.79
CA ILE B 33 34.45 19.90 -22.01
C ILE B 33 34.37 18.86 -20.90
N PRO B 34 33.24 18.71 -20.23
CA PRO B 34 33.14 17.72 -19.15
C PRO B 34 33.13 16.30 -19.70
N GLU B 35 33.22 15.35 -18.79
CA GLU B 35 33.24 13.94 -19.16
C GLU B 35 31.85 13.48 -19.59
N ARG B 36 31.81 12.34 -20.28
CA ARG B 36 30.57 11.81 -20.80
C ARG B 36 29.64 11.41 -19.65
N GLY B 37 28.37 11.17 -19.99
CA GLY B 37 27.37 10.83 -19.02
C GLY B 37 27.71 9.61 -18.19
N ASP B 38 27.84 9.79 -16.88
CA ASP B 38 28.19 8.70 -15.97
C ASP B 38 26.90 8.00 -15.58
N LEU B 39 26.68 6.82 -16.15
CA LEU B 39 25.45 6.08 -15.87
C LEU B 39 25.45 5.52 -14.45
N SER B 40 26.62 5.31 -13.86
CA SER B 40 26.71 4.85 -12.49
C SER B 40 26.69 6.03 -11.54
N CYS B 41 25.69 6.90 -11.68
CA CYS B 41 25.55 8.09 -10.86
C CYS B 41 24.18 8.06 -10.20
N ARG B 42 24.17 8.10 -8.87
CA ARG B 42 22.94 8.02 -8.09
C ARG B 42 22.92 9.13 -7.05
N MET B 43 21.78 9.27 -6.39
CA MET B 43 21.58 10.38 -5.45
C MET B 43 22.57 10.30 -4.29
N HIS B 44 22.84 9.09 -3.78
CA HIS B 44 23.67 8.95 -2.60
C HIS B 44 25.15 9.14 -2.90
N THR B 45 25.55 9.21 -4.16
CA THR B 45 26.92 9.49 -4.53
C THR B 45 27.10 10.78 -5.33
N CYS B 46 26.06 11.29 -5.96
CA CYS B 46 26.17 12.45 -6.84
C CYS B 46 25.57 13.70 -6.21
N PHE B 47 24.32 13.63 -5.74
CA PHE B 47 23.64 14.80 -5.24
C PHE B 47 24.29 15.28 -3.94
N ASP B 48 24.52 16.59 -3.86
CA ASP B 48 25.17 17.20 -2.70
C ASP B 48 24.08 17.63 -1.73
N VAL B 49 23.78 16.77 -0.76
CA VAL B 49 22.70 17.01 0.18
C VAL B 49 23.03 18.12 1.18
N TYR B 50 24.30 18.49 1.31
CA TYR B 50 24.68 19.56 2.23
C TYR B 50 24.02 20.89 1.83
N ARG B 51 23.93 21.16 0.53
CA ARG B 51 23.49 22.47 0.07
C ARG B 51 22.06 22.77 0.51
N CYS B 52 21.17 21.78 0.40
CA CYS B 52 19.79 21.92 0.88
C CYS B 52 19.60 20.87 1.97
N GLY B 53 19.97 21.22 3.20
CA GLY B 53 19.93 20.29 4.30
C GLY B 53 18.55 20.09 4.91
N PHE B 54 18.01 21.15 5.50
CA PHE B 54 16.72 21.06 6.16
C PHE B 54 16.12 22.45 6.29
N ASN B 55 14.80 22.49 6.40
CA ASN B 55 14.02 23.71 6.54
C ASN B 55 12.60 23.39 6.97
N PRO B 56 11.92 24.29 7.68
CA PRO B 56 10.55 23.98 8.12
C PRO B 56 9.59 23.72 6.97
N LYS B 57 9.73 24.45 5.87
CA LYS B 57 8.92 24.24 4.67
C LYS B 57 9.71 23.33 3.73
N ASN B 58 9.34 22.06 3.69
CA ASN B 58 10.15 21.06 3.00
C ASN B 58 10.05 21.24 1.48
N LYS B 59 10.66 22.30 0.96
CA LYS B 59 10.62 22.61 -0.45
C LYS B 59 12.02 22.92 -0.95
N ILE B 60 12.40 22.30 -2.06
CA ILE B 60 13.70 22.54 -2.66
C ILE B 60 13.72 23.93 -3.31
N LYS B 61 14.86 24.60 -3.20
CA LYS B 61 15.03 25.93 -3.76
C LYS B 61 15.84 25.82 -5.05
N VAL B 62 15.28 26.33 -6.14
CA VAL B 62 15.85 26.18 -7.48
C VAL B 62 16.29 27.54 -7.98
N TYR B 63 17.47 27.58 -8.59
CA TYR B 63 18.06 28.83 -9.08
C TYR B 63 17.96 28.90 -10.60
N ILE B 64 17.74 30.11 -11.10
CA ILE B 64 17.64 30.38 -12.53
C ILE B 64 18.88 31.15 -12.95
N TYR B 65 19.56 30.65 -13.97
CA TYR B 65 20.79 31.27 -14.43
C TYR B 65 20.51 32.36 -15.45
N ALA B 66 21.20 33.50 -15.29
CA ALA B 66 21.05 34.59 -16.23
C ALA B 66 21.69 34.23 -17.57
N LEU B 67 21.11 34.75 -18.65
CA LEU B 67 21.60 34.48 -19.99
C LEU B 67 22.97 35.12 -20.21
N ILE B 82 16.84 30.93 -27.58
CA ILE B 82 15.96 30.42 -26.54
C ILE B 82 14.56 30.19 -27.09
N SER B 83 14.12 28.93 -27.05
CA SER B 83 12.79 28.60 -27.54
C SER B 83 11.72 29.14 -26.60
N ARG B 84 10.50 29.27 -27.13
CA ARG B 84 9.38 29.69 -26.30
C ARG B 84 9.03 28.63 -25.28
N GLU B 85 9.29 27.35 -25.60
CA GLU B 85 8.98 26.27 -24.67
C GLU B 85 9.84 26.38 -23.42
N TYR B 86 11.14 26.58 -23.60
CA TYR B 86 12.04 26.76 -22.46
C TYR B 86 11.75 28.06 -21.72
N ASN B 87 11.29 29.09 -22.43
CA ASN B 87 10.90 30.33 -21.78
C ASN B 87 9.70 30.10 -20.87
N GLU B 88 8.72 29.33 -21.34
CA GLU B 88 7.57 28.98 -20.49
C GLU B 88 8.03 28.15 -19.29
N LEU B 89 8.96 27.24 -19.51
CA LEU B 89 9.52 26.44 -18.41
C LEU B 89 10.16 27.33 -17.35
N LEU B 90 10.99 28.28 -17.80
CA LEU B 90 11.68 29.17 -16.86
C LEU B 90 10.69 30.05 -16.12
N MET B 91 9.65 30.55 -16.81
CA MET B 91 8.63 31.33 -16.13
C MET B 91 7.89 30.48 -15.09
N ALA B 92 7.59 29.22 -15.42
CA ALA B 92 6.93 28.35 -14.46
C ALA B 92 7.80 28.11 -13.23
N ILE B 93 9.11 27.92 -13.44
CA ILE B 93 10.02 27.75 -12.30
C ILE B 93 10.05 29.02 -11.46
N SER B 94 10.15 30.18 -12.11
CA SER B 94 10.34 31.43 -11.40
C SER B 94 9.09 31.89 -10.66
N ASP B 95 7.91 31.45 -11.13
CA ASP B 95 6.65 31.86 -10.53
C ASP B 95 6.10 30.85 -9.54
N SER B 96 6.96 29.97 -9.02
CA SER B 96 6.57 28.96 -8.05
C SER B 96 7.32 29.18 -6.75
N ASP B 97 6.92 28.44 -5.71
CA ASP B 97 7.57 28.56 -4.42
C ASP B 97 8.97 27.97 -4.39
N TYR B 98 9.36 27.20 -5.43
CA TYR B 98 10.70 26.66 -5.49
C TYR B 98 11.74 27.71 -5.87
N TYR B 99 11.35 28.78 -6.53
CA TYR B 99 12.30 29.76 -7.03
C TYR B 99 12.86 30.60 -5.89
N THR B 100 14.18 30.78 -5.89
CA THR B 100 14.85 31.62 -4.91
C THR B 100 15.98 32.38 -5.59
N ASP B 101 16.58 33.29 -4.83
CA ASP B 101 17.77 34.03 -5.21
C ASP B 101 18.89 33.65 -4.26
N ASP B 102 19.99 34.42 -4.32
CA ASP B 102 21.15 34.18 -3.45
C ASP B 102 21.70 32.77 -3.66
N ILE B 103 22.21 32.58 -4.87
CA ILE B 103 22.56 31.29 -5.46
C ILE B 103 23.26 30.35 -4.49
N ASN B 104 24.13 30.89 -3.64
CA ASN B 104 24.89 30.04 -2.73
C ASN B 104 24.01 29.34 -1.69
N ARG B 105 22.75 29.77 -1.56
CA ARG B 105 21.83 29.13 -0.63
C ARG B 105 20.89 28.15 -1.31
N ALA B 106 20.69 28.29 -2.62
CA ALA B 106 19.77 27.43 -3.35
C ALA B 106 20.31 26.01 -3.43
N CYS B 107 19.41 25.07 -3.71
CA CYS B 107 19.73 23.64 -3.77
C CYS B 107 19.87 23.11 -5.19
N LEU B 108 18.93 23.42 -6.07
CA LEU B 108 18.95 22.93 -7.44
C LEU B 108 19.40 24.02 -8.40
N PHE B 109 19.96 23.60 -9.53
CA PHE B 109 20.38 24.50 -10.59
C PHE B 109 19.79 24.04 -11.91
N VAL B 110 19.16 24.94 -12.63
CA VAL B 110 18.66 24.69 -13.98
C VAL B 110 19.26 25.72 -14.93
N PRO B 111 20.30 25.35 -15.67
CA PRO B 111 20.93 26.31 -16.58
C PRO B 111 19.97 26.81 -17.64
N SER B 112 20.12 28.08 -18.01
CA SER B 112 19.27 28.71 -19.01
C SER B 112 19.86 28.51 -20.41
N ILE B 113 19.94 27.24 -20.79
CA ILE B 113 20.36 26.84 -22.13
C ILE B 113 19.27 25.98 -22.74
N ASP B 114 18.81 26.35 -23.92
CA ASP B 114 17.72 25.62 -24.57
C ASP B 114 18.26 24.28 -25.04
N VAL B 115 18.04 23.25 -24.23
CA VAL B 115 18.50 21.90 -24.52
C VAL B 115 17.32 21.00 -24.87
N LEU B 116 16.11 21.55 -24.98
CA LEU B 116 14.91 20.76 -25.07
C LEU B 116 14.90 19.91 -26.34
N ASN B 117 15.36 20.47 -27.44
CA ASN B 117 15.46 19.74 -28.71
C ASN B 117 16.92 19.49 -29.05
N GLN B 118 17.24 18.23 -29.33
CA GLN B 118 18.60 17.84 -29.68
C GLN B 118 18.89 17.92 -31.18
N ASN B 119 17.86 18.17 -32.01
CA ASN B 119 18.08 18.27 -33.45
C ASN B 119 18.92 19.50 -33.81
N THR B 120 18.80 20.57 -33.03
CA THR B 120 19.56 21.80 -33.24
C THR B 120 20.31 22.18 -31.97
N LEU B 121 20.97 21.19 -31.38
CA LEU B 121 21.61 21.38 -30.07
C LEU B 121 23.04 21.90 -30.16
N ARG B 122 23.80 21.47 -31.16
CA ARG B 122 25.23 21.80 -31.27
C ARG B 122 25.97 21.34 -30.01
N ILE B 123 26.00 20.02 -29.85
CA ILE B 123 26.47 19.31 -28.66
C ILE B 123 27.75 19.92 -28.10
N LYS B 124 28.73 20.18 -28.97
CA LYS B 124 29.98 20.77 -28.53
C LYS B 124 29.76 22.14 -27.90
N GLU B 125 28.92 22.97 -28.54
CA GLU B 125 28.65 24.30 -27.99
C GLU B 125 27.92 24.21 -26.65
N THR B 126 26.98 23.26 -26.52
CA THR B 126 26.28 23.09 -25.25
C THR B 126 27.25 22.67 -24.15
N ALA B 127 28.16 21.74 -24.46
CA ALA B 127 29.15 21.32 -23.47
C ALA B 127 30.05 22.48 -23.08
N GLN B 128 30.50 23.27 -24.07
CA GLN B 128 31.35 24.40 -23.76
C GLN B 128 30.62 25.43 -22.90
N ALA B 129 29.33 25.65 -23.17
CA ALA B 129 28.55 26.58 -22.36
C ALA B 129 28.41 26.10 -20.94
N MET B 130 28.11 24.81 -20.75
CA MET B 130 27.98 24.28 -19.40
C MET B 130 29.31 24.28 -18.65
N ALA B 131 30.42 24.12 -19.37
CA ALA B 131 31.73 24.24 -18.73
C ALA B 131 32.04 25.68 -18.36
N GLN B 132 31.70 26.63 -19.23
CA GLN B 132 31.90 28.05 -19.00
C GLN B 132 30.89 28.64 -18.05
N LEU B 133 29.93 27.84 -17.58
CA LEU B 133 28.94 28.32 -16.62
C LEU B 133 29.57 28.82 -15.33
N SER B 134 30.81 28.38 -15.03
CA SER B 134 31.64 28.85 -13.92
C SER B 134 31.07 28.50 -12.56
N ARG B 135 29.93 27.80 -12.49
CA ARG B 135 29.35 27.36 -11.23
C ARG B 135 28.90 25.91 -11.37
N TRP B 136 29.49 25.20 -12.33
CA TRP B 136 29.12 23.82 -12.59
C TRP B 136 29.38 22.93 -11.38
N ASP B 137 30.55 23.09 -10.76
CA ASP B 137 30.96 22.28 -9.61
C ASP B 137 30.86 20.79 -9.94
N ARG B 138 31.39 20.43 -11.12
CA ARG B 138 31.37 19.06 -11.63
C ARG B 138 29.95 18.58 -11.92
N GLY B 139 28.99 19.49 -11.91
CA GLY B 139 27.60 19.15 -12.18
C GLY B 139 26.97 18.26 -11.15
N THR B 140 27.22 18.54 -9.87
CA THR B 140 26.70 17.66 -8.82
C THR B 140 25.20 17.83 -8.61
N ASN B 141 24.67 19.04 -8.80
CA ASN B 141 23.28 19.33 -8.45
C ASN B 141 22.50 20.02 -9.56
N HIS B 142 23.04 20.09 -10.78
CA HIS B 142 22.38 20.80 -11.86
C HIS B 142 21.36 19.91 -12.56
N LEU B 143 20.25 20.52 -12.97
CA LEU B 143 19.15 19.82 -13.62
C LEU B 143 19.01 20.32 -15.06
N LEU B 144 18.88 19.38 -15.99
CA LEU B 144 18.72 19.67 -17.41
C LEU B 144 17.37 19.15 -17.89
N PHE B 145 16.74 19.90 -18.78
CA PHE B 145 15.41 19.56 -19.29
C PHE B 145 15.50 19.24 -20.78
N ASN B 146 14.84 18.14 -21.18
CA ASN B 146 14.90 17.67 -22.54
C ASN B 146 13.61 16.90 -22.82
N MET B 147 13.20 16.89 -24.09
CA MET B 147 12.09 16.05 -24.53
C MET B 147 12.40 15.21 -25.76
N LEU B 148 13.44 15.53 -26.52
CA LEU B 148 13.80 14.78 -27.73
C LEU B 148 15.26 14.39 -27.65
N PRO B 149 15.59 13.37 -26.86
CA PRO B 149 17.00 12.94 -26.70
C PRO B 149 17.42 11.90 -27.74
N GLY B 150 17.58 12.35 -28.98
CA GLY B 150 17.99 11.46 -30.05
C GLY B 150 18.81 12.20 -31.08
N GLY B 151 19.67 11.44 -31.76
CA GLY B 151 20.52 11.99 -32.80
C GLY B 151 20.04 11.60 -34.18
N PRO B 152 20.47 12.35 -35.19
CA PRO B 152 20.10 12.01 -36.58
C PRO B 152 20.54 10.61 -36.97
N PRO B 153 21.85 10.26 -36.86
CA PRO B 153 22.27 8.95 -37.40
C PRO B 153 21.92 7.79 -36.49
N ASP B 154 22.04 7.99 -35.17
CA ASP B 154 21.76 6.95 -34.21
C ASP B 154 20.93 7.53 -33.07
N TYR B 155 20.03 6.71 -32.54
CA TYR B 155 19.13 7.11 -31.45
C TYR B 155 19.73 6.64 -30.14
N ASN B 156 20.46 7.53 -29.46
CA ASN B 156 21.12 7.18 -28.22
C ASN B 156 20.17 7.09 -27.04
N THR B 157 18.92 7.53 -27.21
CA THR B 157 17.87 7.45 -26.19
C THR B 157 18.25 8.24 -24.94
N ALA B 158 19.17 9.19 -25.07
CA ALA B 158 19.56 10.06 -23.98
C ALA B 158 20.24 11.29 -24.56
N LEU B 159 20.38 12.32 -23.74
CA LEU B 159 21.09 13.52 -24.16
C LEU B 159 22.53 13.18 -24.50
N ASP B 160 22.99 13.65 -25.65
CA ASP B 160 24.31 13.33 -26.16
C ASP B 160 25.39 14.26 -25.65
N VAL B 161 25.04 15.26 -24.86
CA VAL B 161 26.04 16.17 -24.29
C VAL B 161 26.82 15.40 -23.24
N PRO B 162 28.04 15.85 -22.88
CA PRO B 162 28.80 15.15 -21.83
C PRO B 162 28.03 14.92 -20.54
N ARG B 163 27.56 16.01 -19.93
CA ARG B 163 26.72 15.97 -18.72
C ARG B 163 27.21 14.91 -17.73
N ASP B 164 28.43 15.12 -17.24
CA ASP B 164 29.12 14.09 -16.48
C ASP B 164 28.29 13.61 -15.29
N ARG B 165 27.70 14.53 -14.54
CA ARG B 165 26.93 14.15 -13.35
C ARG B 165 25.60 14.87 -13.22
N ALA B 166 25.22 15.74 -14.16
CA ALA B 166 24.01 16.52 -14.01
C ALA B 166 22.77 15.63 -14.04
N LEU B 167 21.77 16.02 -13.26
CA LEU B 167 20.51 15.30 -13.21
C LEU B 167 19.68 15.67 -14.44
N LEU B 168 19.16 14.68 -15.13
CA LEU B 168 18.54 14.88 -16.44
C LEU B 168 17.05 14.59 -16.35
N ALA B 169 16.25 15.47 -16.94
CA ALA B 169 14.80 15.27 -17.09
C ALA B 169 14.52 15.20 -18.59
N GLY B 170 14.34 13.97 -19.09
CA GLY B 170 14.22 13.77 -20.52
C GLY B 170 12.92 13.15 -20.97
N GLY B 171 12.68 13.17 -22.28
CA GLY B 171 11.45 12.61 -22.83
C GLY B 171 11.58 11.15 -23.22
N GLY B 172 12.66 10.80 -23.91
CA GLY B 172 12.86 9.44 -24.35
C GLY B 172 13.86 8.69 -23.51
N PHE B 173 13.37 7.77 -22.67
CA PHE B 173 14.21 6.98 -21.79
C PHE B 173 14.03 5.49 -22.05
N SER B 174 15.14 4.81 -22.28
CA SER B 174 15.20 3.36 -22.24
C SER B 174 15.71 2.93 -20.87
N THR B 175 15.47 1.66 -20.54
CA THR B 175 15.89 1.15 -19.24
C THR B 175 17.40 1.13 -19.09
N TRP B 176 18.15 1.24 -20.20
CA TRP B 176 19.60 1.30 -20.13
C TRP B 176 20.13 2.72 -20.05
N THR B 177 19.33 3.70 -20.49
CA THR B 177 19.74 5.10 -20.48
C THR B 177 19.11 5.86 -19.32
N TYR B 178 18.37 5.20 -18.45
CA TYR B 178 17.65 5.86 -17.36
C TYR B 178 18.25 5.45 -16.03
N ARG B 179 18.78 6.42 -15.30
CA ARG B 179 19.19 6.21 -13.91
C ARG B 179 17.97 6.25 -13.02
N GLN B 180 17.76 5.20 -12.24
CA GLN B 180 16.48 4.98 -11.57
C GLN B 180 16.15 6.10 -10.59
N GLY B 181 16.96 6.25 -9.55
CA GLY B 181 16.68 7.25 -8.55
C GLY B 181 17.21 8.63 -8.85
N TYR B 182 17.87 8.82 -9.98
CA TYR B 182 18.49 10.10 -10.31
C TYR B 182 17.72 10.86 -11.37
N ASP B 183 17.51 10.26 -12.54
CA ASP B 183 16.84 10.95 -13.63
C ASP B 183 15.32 10.95 -13.44
N VAL B 184 14.67 11.91 -14.07
CA VAL B 184 13.21 12.06 -14.03
C VAL B 184 12.68 11.92 -15.45
N SER B 185 11.71 11.04 -15.64
CA SER B 185 11.12 10.79 -16.96
C SER B 185 9.99 11.78 -17.19
N ILE B 186 10.21 12.74 -18.07
CA ILE B 186 9.21 13.78 -18.33
C ILE B 186 8.62 13.56 -19.73
N PRO B 187 7.38 13.97 -19.96
CA PRO B 187 6.77 13.77 -21.28
C PRO B 187 7.26 14.78 -22.29
N VAL B 188 7.06 14.45 -23.56
CA VAL B 188 7.28 15.39 -24.65
C VAL B 188 5.98 16.12 -24.93
N TYR B 189 6.04 17.45 -24.97
CA TYR B 189 4.86 18.29 -25.04
C TYR B 189 4.48 18.55 -26.48
N SER B 190 3.22 18.27 -26.82
CA SER B 190 2.67 18.59 -28.13
C SER B 190 1.95 19.93 -28.05
N PRO B 191 2.29 20.91 -28.88
CA PRO B 191 1.62 22.21 -28.80
C PRO B 191 0.13 22.15 -29.06
N LEU B 192 -0.39 21.03 -29.56
CA LEU B 192 -1.83 20.90 -29.78
C LEU B 192 -2.63 20.94 -28.49
N SER B 193 -2.00 20.68 -27.34
CA SER B 193 -2.72 20.74 -26.07
C SER B 193 -3.23 22.15 -25.80
N ALA B 194 -2.50 23.17 -26.25
CA ALA B 194 -2.93 24.55 -26.11
C ALA B 194 -3.47 25.14 -27.40
N GLU B 195 -3.04 24.63 -28.56
CA GLU B 195 -3.50 25.18 -29.83
C GLU B 195 -4.98 24.90 -30.05
N VAL B 196 -5.46 23.72 -29.70
CA VAL B 196 -6.85 23.34 -29.86
C VAL B 196 -7.42 22.94 -28.52
N ASP B 197 -8.63 23.40 -28.23
CA ASP B 197 -9.33 23.11 -26.99
C ASP B 197 -10.32 21.98 -27.26
N LEU B 198 -9.82 20.75 -27.22
CA LEU B 198 -10.66 19.60 -27.48
C LEU B 198 -11.68 19.45 -26.35
N PRO B 199 -12.96 19.25 -26.67
CA PRO B 199 -13.99 19.21 -25.63
C PRO B 199 -13.79 18.03 -24.67
N GLU B 200 -14.14 18.26 -23.41
CA GLU B 200 -13.95 17.27 -22.35
C GLU B 200 -15.06 16.22 -22.42
N LYS B 201 -14.94 15.35 -23.41
CA LYS B 201 -15.93 14.29 -23.58
C LYS B 201 -15.80 13.24 -22.48
N GLY B 202 -16.93 12.86 -21.89
CA GLY B 202 -16.94 11.89 -20.83
C GLY B 202 -16.75 10.48 -21.34
N PRO B 203 -16.41 9.55 -20.43
CA PRO B 203 -16.22 8.16 -20.83
C PRO B 203 -17.52 7.54 -21.33
N GLY B 204 -17.38 6.63 -22.28
CA GLY B 204 -18.51 5.93 -22.84
C GLY B 204 -18.15 5.14 -24.08
N PRO B 205 -19.12 4.46 -24.66
CA PRO B 205 -18.87 3.70 -25.89
C PRO B 205 -18.50 4.63 -27.04
N ARG B 206 -17.68 4.10 -27.94
CA ARG B 206 -17.15 4.88 -29.05
C ARG B 206 -17.28 4.11 -30.36
N GLN B 207 -17.25 4.85 -31.47
CA GLN B 207 -17.41 4.24 -32.78
C GLN B 207 -16.27 3.27 -33.09
N TYR B 208 -15.04 3.68 -32.80
CA TYR B 208 -13.85 2.88 -33.11
C TYR B 208 -13.31 2.23 -31.85
N PHE B 209 -12.66 1.07 -32.03
CA PHE B 209 -12.02 0.37 -30.93
C PHE B 209 -10.54 0.72 -30.82
N LEU B 210 -9.78 0.47 -31.89
CA LEU B 210 -8.36 0.75 -31.91
C LEU B 210 -8.04 1.71 -33.05
N LEU B 211 -7.17 2.67 -32.78
CA LEU B 211 -6.77 3.67 -33.77
C LEU B 211 -5.26 3.86 -33.70
N SER B 212 -4.67 4.15 -34.86
CA SER B 212 -3.23 4.43 -34.95
C SER B 212 -3.04 5.60 -35.90
N SER B 213 -2.84 6.80 -35.35
CA SER B 213 -2.67 8.02 -36.13
C SER B 213 -1.25 8.53 -35.91
N GLN B 214 -0.30 7.99 -36.69
CA GLN B 214 1.07 8.48 -36.69
C GLN B 214 1.57 8.52 -38.12
N VAL B 215 2.53 9.41 -38.38
CA VAL B 215 3.09 9.61 -39.70
C VAL B 215 4.57 9.24 -39.66
N GLY B 216 4.97 8.33 -40.54
CA GLY B 216 6.33 7.87 -40.61
C GLY B 216 6.60 6.51 -40.01
N LEU B 217 5.61 5.63 -39.92
CA LEU B 217 5.83 4.30 -39.39
C LEU B 217 6.72 3.49 -40.33
N HIS B 218 7.63 2.72 -39.75
CA HIS B 218 8.44 1.82 -40.54
C HIS B 218 7.57 0.69 -41.10
N PRO B 219 7.95 0.11 -42.24
CA PRO B 219 7.09 -0.90 -42.87
C PRO B 219 6.77 -2.09 -41.97
N GLU B 220 7.68 -2.46 -41.07
CA GLU B 220 7.43 -3.60 -40.20
C GLU B 220 6.22 -3.36 -39.31
N TYR B 221 5.93 -2.11 -38.96
CA TYR B 221 4.75 -1.78 -38.17
C TYR B 221 3.51 -1.60 -39.03
N ARG B 222 3.65 -0.91 -40.16
CA ARG B 222 2.51 -0.65 -41.02
C ARG B 222 1.94 -1.93 -41.60
N GLU B 223 2.80 -2.89 -41.97
CA GLU B 223 2.32 -4.15 -42.51
C GLU B 223 1.48 -4.90 -41.47
N ASP B 224 1.96 -4.95 -40.22
CA ASP B 224 1.21 -5.65 -39.19
C ASP B 224 -0.10 -4.92 -38.88
N LEU B 225 -0.09 -3.58 -38.88
CA LEU B 225 -1.32 -2.83 -38.66
C LEU B 225 -2.33 -3.10 -39.76
N GLU B 226 -1.88 -3.12 -41.02
CA GLU B 226 -2.77 -3.43 -42.13
C GLU B 226 -3.32 -4.85 -42.01
N ALA B 227 -2.46 -5.80 -41.62
CA ALA B 227 -2.92 -7.17 -41.45
C ALA B 227 -3.99 -7.26 -40.37
N LEU B 228 -3.80 -6.58 -39.25
CA LEU B 228 -4.79 -6.58 -38.19
C LEU B 228 -6.09 -5.94 -38.66
N GLN B 229 -5.99 -4.83 -39.40
CA GLN B 229 -7.18 -4.14 -39.89
C GLN B 229 -7.99 -5.03 -40.83
N VAL B 230 -7.31 -5.70 -41.77
CA VAL B 230 -8.02 -6.57 -42.69
C VAL B 230 -8.49 -7.85 -42.01
N LYS B 231 -7.85 -8.23 -40.89
CA LYS B 231 -8.31 -9.41 -40.17
C LYS B 231 -9.59 -9.13 -39.40
N HIS B 232 -9.69 -7.97 -38.74
CA HIS B 232 -10.86 -7.64 -37.95
C HIS B 232 -11.82 -6.72 -38.69
N GLY B 233 -11.36 -5.53 -39.07
CA GLY B 233 -12.19 -4.61 -39.83
C GLY B 233 -13.27 -3.93 -39.01
N GLU B 234 -13.60 -2.68 -39.37
CA GLU B 234 -14.66 -1.87 -38.78
C GLU B 234 -14.39 -1.47 -37.34
N SER B 235 -13.30 -1.95 -36.74
CA SER B 235 -12.89 -1.54 -35.41
C SER B 235 -11.51 -0.92 -35.40
N VAL B 236 -10.56 -1.51 -36.11
CA VAL B 236 -9.23 -0.94 -36.28
C VAL B 236 -9.23 -0.06 -37.52
N LEU B 237 -8.77 1.17 -37.37
CA LEU B 237 -8.58 2.07 -38.50
C LEU B 237 -7.19 2.66 -38.42
N VAL B 238 -6.43 2.54 -39.49
CA VAL B 238 -5.08 3.08 -39.57
C VAL B 238 -5.10 4.31 -40.47
N LEU B 239 -4.46 5.38 -40.01
CA LEU B 239 -4.51 6.67 -40.68
C LEU B 239 -3.15 7.00 -41.27
N ASP B 240 -3.14 7.44 -42.51
CA ASP B 240 -1.92 7.80 -43.23
C ASP B 240 -1.92 9.29 -43.53
N LYS B 241 -0.74 9.80 -43.86
CA LYS B 241 -0.59 11.21 -44.20
C LYS B 241 -1.28 11.53 -45.52
N ARG B 253 -1.05 18.35 -39.95
CA ARG B 253 -2.09 18.41 -38.93
C ARG B 253 -3.42 17.88 -39.48
N LYS B 254 -3.32 17.01 -40.49
CA LYS B 254 -4.49 16.40 -41.11
C LYS B 254 -4.22 14.92 -41.32
N ARG B 255 -5.27 14.12 -41.20
CA ARG B 255 -5.17 12.67 -41.37
C ARG B 255 -6.08 12.23 -42.50
N CYS B 256 -5.59 11.32 -43.33
CA CYS B 256 -6.31 10.85 -44.51
C CYS B 256 -6.32 9.33 -44.54
N HIS B 257 -7.51 8.74 -44.61
CA HIS B 257 -7.67 7.32 -44.83
C HIS B 257 -7.94 7.09 -46.32
N LYS B 258 -8.30 5.87 -46.69
CA LYS B 258 -8.63 5.56 -48.07
C LYS B 258 -9.97 6.23 -48.44
N HIS B 259 -9.90 7.30 -49.23
CA HIS B 259 -11.08 8.05 -49.66
C HIS B 259 -11.87 8.56 -48.46
N GLN B 260 -11.15 9.00 -47.42
CA GLN B 260 -11.78 9.58 -46.24
C GLN B 260 -10.75 10.44 -45.52
N VAL B 261 -11.20 11.57 -45.00
CA VAL B 261 -10.32 12.55 -44.37
C VAL B 261 -10.79 12.79 -42.94
N PHE B 262 -9.85 12.77 -41.99
CA PHE B 262 -10.13 13.00 -40.59
C PHE B 262 -9.22 14.09 -40.05
N ASP B 263 -9.79 14.97 -39.23
CA ASP B 263 -8.99 15.96 -38.51
C ASP B 263 -8.26 15.28 -37.36
N TYR B 264 -6.95 15.54 -37.25
CA TYR B 264 -6.11 14.75 -36.35
C TYR B 264 -6.50 14.88 -34.88
N PRO B 265 -6.65 16.07 -34.31
CA PRO B 265 -7.00 16.13 -32.88
C PRO B 265 -8.32 15.46 -32.55
N GLN B 266 -9.32 15.56 -33.44
CA GLN B 266 -10.66 15.12 -33.12
C GLN B 266 -10.93 13.67 -33.49
N VAL B 267 -10.15 13.09 -34.40
CA VAL B 267 -10.37 11.69 -34.76
C VAL B 267 -10.05 10.78 -33.59
N LEU B 268 -9.12 11.18 -32.72
CA LEU B 268 -8.76 10.37 -31.57
C LEU B 268 -9.90 10.22 -30.57
N GLN B 269 -10.91 11.08 -30.64
CA GLN B 269 -12.03 11.02 -29.72
C GLN B 269 -12.98 9.88 -30.01
N GLU B 270 -13.01 9.36 -31.24
CA GLU B 270 -13.96 8.33 -31.62
C GLU B 270 -13.44 6.92 -31.37
N ALA B 271 -12.22 6.76 -30.87
CA ALA B 271 -11.62 5.47 -30.62
C ALA B 271 -11.40 5.27 -29.13
N THR B 272 -11.75 4.09 -28.62
CA THR B 272 -11.54 3.78 -27.21
C THR B 272 -10.10 3.37 -26.91
N PHE B 273 -9.30 3.11 -27.93
CA PHE B 273 -7.88 2.85 -27.77
C PHE B 273 -7.10 3.61 -28.83
N CYS B 274 -5.87 3.98 -28.49
CA CYS B 274 -4.97 4.63 -29.42
C CYS B 274 -3.59 4.01 -29.25
N VAL B 275 -2.91 3.78 -30.37
CA VAL B 275 -1.66 3.03 -30.39
C VAL B 275 -0.51 3.98 -30.68
N VAL B 276 0.50 3.96 -29.83
CA VAL B 276 1.69 4.80 -29.96
C VAL B 276 2.88 3.89 -30.26
N LEU B 277 3.57 4.17 -31.37
CA LEU B 277 4.72 3.40 -31.79
C LEU B 277 6.01 4.11 -31.40
N ARG B 278 7.12 3.40 -31.55
CA ARG B 278 8.45 3.97 -31.36
C ARG B 278 9.06 4.22 -32.74
N GLY B 279 9.05 5.47 -33.16
CA GLY B 279 9.63 5.81 -34.45
C GLY B 279 10.89 6.63 -34.34
N ALA B 280 10.95 7.52 -33.36
CA ALA B 280 12.09 8.41 -33.21
C ALA B 280 12.23 8.81 -31.76
N ARG B 281 13.47 8.74 -31.25
CA ARG B 281 13.82 9.19 -29.92
C ARG B 281 13.10 8.40 -28.83
N LEU B 282 12.37 7.37 -29.22
CA LEU B 282 11.62 6.45 -28.36
C LEU B 282 10.43 7.13 -27.68
N GLY B 283 10.31 8.46 -27.81
CA GLY B 283 9.19 9.17 -27.21
C GLY B 283 8.52 10.10 -28.21
N GLN B 284 7.25 9.86 -28.48
CA GLN B 284 6.51 10.60 -29.49
C GLN B 284 5.50 11.53 -28.82
N ALA B 285 5.33 12.71 -29.42
CA ALA B 285 4.36 13.68 -28.92
C ALA B 285 2.92 13.22 -29.09
N VAL B 286 2.69 12.15 -29.85
CA VAL B 286 1.34 11.64 -30.04
C VAL B 286 0.74 11.14 -28.73
N LEU B 287 1.59 10.78 -27.76
CA LEU B 287 1.08 10.32 -26.47
C LEU B 287 0.26 11.39 -25.76
N SER B 288 0.75 12.63 -25.79
CA SER B 288 0.02 13.72 -25.13
C SER B 288 -1.33 13.95 -25.78
N ASP B 289 -1.39 13.93 -27.11
CA ASP B 289 -2.67 14.08 -27.80
C ASP B 289 -3.59 12.92 -27.50
N VAL B 290 -3.05 11.70 -27.45
CA VAL B 290 -3.84 10.52 -27.14
C VAL B 290 -4.46 10.65 -25.76
N LEU B 291 -3.69 11.13 -24.80
CA LEU B 291 -4.18 11.28 -23.43
C LEU B 291 -5.18 12.42 -23.33
N GLN B 292 -4.94 13.52 -24.04
CA GLN B 292 -5.88 14.63 -24.04
C GLN B 292 -7.22 14.23 -24.62
N ALA B 293 -7.21 13.46 -25.72
CA ALA B 293 -8.45 13.02 -26.33
C ALA B 293 -9.22 12.03 -25.45
N GLY B 294 -8.54 11.40 -24.48
CA GLY B 294 -9.18 10.49 -23.56
C GLY B 294 -9.00 9.02 -23.90
N CYS B 295 -8.60 8.70 -25.13
CA CYS B 295 -8.41 7.30 -25.50
C CYS B 295 -7.21 6.72 -24.78
N VAL B 296 -7.33 5.46 -24.37
CA VAL B 296 -6.29 4.78 -23.60
C VAL B 296 -5.10 4.48 -24.51
N PRO B 297 -3.91 4.95 -24.16
CA PRO B 297 -2.74 4.69 -25.00
C PRO B 297 -2.34 3.23 -24.98
N VAL B 298 -1.76 2.78 -26.09
CA VAL B 298 -1.19 1.44 -26.22
C VAL B 298 0.23 1.64 -26.72
N VAL B 299 1.20 1.65 -25.81
CA VAL B 299 2.58 1.91 -26.15
C VAL B 299 3.22 0.62 -26.66
N ILE B 300 3.72 0.67 -27.89
CA ILE B 300 4.35 -0.49 -28.51
C ILE B 300 5.87 -0.40 -28.45
N ALA B 301 6.41 0.68 -27.89
CA ALA B 301 7.85 0.81 -27.75
C ALA B 301 8.42 -0.35 -26.92
N ASP B 302 9.59 -0.84 -27.32
CA ASP B 302 10.12 -2.06 -26.74
C ASP B 302 10.62 -1.81 -25.31
N SER B 303 11.62 -0.95 -25.16
CA SER B 303 12.22 -0.65 -23.86
C SER B 303 12.05 0.83 -23.60
N TYR B 304 10.87 1.21 -23.11
CA TYR B 304 10.53 2.60 -22.86
C TYR B 304 9.80 2.70 -21.53
N ILE B 305 10.21 3.67 -20.70
CA ILE B 305 9.55 3.94 -19.44
C ILE B 305 8.66 5.17 -19.64
N LEU B 306 7.38 5.03 -19.29
CA LEU B 306 6.44 6.12 -19.48
C LEU B 306 6.80 7.30 -18.60
N PRO B 307 6.51 8.53 -19.03
CA PRO B 307 6.91 9.71 -18.26
C PRO B 307 6.27 9.74 -16.88
N PHE B 308 7.04 10.23 -15.90
CA PHE B 308 6.60 10.34 -14.51
C PHE B 308 6.20 8.97 -13.94
N SER B 309 6.82 7.90 -14.42
CA SER B 309 6.49 6.56 -13.93
C SER B 309 6.94 6.35 -12.49
N GLU B 310 7.74 7.27 -11.93
CA GLU B 310 8.18 7.13 -10.55
C GLU B 310 7.01 7.20 -9.59
N VAL B 311 6.03 8.06 -9.85
CA VAL B 311 4.90 8.23 -8.95
C VAL B 311 3.59 7.86 -9.64
N LEU B 312 3.54 8.01 -10.95
CA LEU B 312 2.30 7.78 -11.67
C LEU B 312 2.09 6.29 -11.91
N ASP B 313 0.85 5.84 -11.69
CA ASP B 313 0.48 4.45 -11.86
C ASP B 313 0.00 4.25 -13.30
N TRP B 314 0.97 4.09 -14.20
CA TRP B 314 0.66 3.97 -15.62
C TRP B 314 -0.11 2.69 -15.93
N LYS B 315 -0.13 1.73 -15.01
CA LYS B 315 -0.90 0.51 -15.23
C LYS B 315 -2.40 0.77 -15.24
N ARG B 316 -2.87 1.82 -14.57
CA ARG B 316 -4.27 2.18 -14.55
C ARG B 316 -4.62 3.23 -15.60
N ALA B 317 -3.67 3.62 -16.44
CA ALA B 317 -3.91 4.60 -17.49
C ALA B 317 -3.40 4.20 -18.86
N SER B 318 -2.45 3.27 -18.97
CA SER B 318 -1.87 2.91 -20.24
C SER B 318 -1.65 1.41 -20.29
N VAL B 319 -1.56 0.88 -21.52
CA VAL B 319 -1.28 -0.52 -21.77
C VAL B 319 0.02 -0.60 -22.55
N VAL B 320 0.97 -1.39 -22.06
CA VAL B 320 2.26 -1.58 -22.70
C VAL B 320 2.29 -2.98 -23.31
N VAL B 321 2.56 -3.05 -24.61
CA VAL B 321 2.59 -4.31 -25.34
C VAL B 321 3.95 -4.41 -26.02
N PRO B 322 4.63 -5.55 -25.92
CA PRO B 322 5.93 -5.68 -26.60
C PRO B 322 5.77 -5.61 -28.11
N GLU B 323 6.81 -5.08 -28.77
CA GLU B 323 6.77 -4.94 -30.21
C GLU B 323 6.72 -6.29 -30.93
N GLU B 324 7.30 -7.33 -30.32
CA GLU B 324 7.25 -8.65 -30.92
C GLU B 324 5.82 -9.17 -31.00
N LYS B 325 5.03 -8.97 -29.96
CA LYS B 325 3.63 -9.39 -29.95
C LYS B 325 2.72 -8.27 -30.43
N MET B 326 3.05 -7.68 -31.58
CA MET B 326 2.22 -6.63 -32.15
C MET B 326 0.99 -7.20 -32.85
N SER B 327 1.11 -8.39 -33.43
CA SER B 327 -0.03 -9.02 -34.10
C SER B 327 -1.11 -9.46 -33.13
N ASP B 328 -0.77 -9.62 -31.85
CA ASP B 328 -1.72 -10.04 -30.84
C ASP B 328 -2.24 -8.89 -29.99
N VAL B 329 -2.09 -7.66 -30.46
CA VAL B 329 -2.54 -6.50 -29.69
C VAL B 329 -4.04 -6.53 -29.50
N TYR B 330 -4.79 -6.82 -30.57
CA TYR B 330 -6.23 -6.80 -30.49
C TYR B 330 -6.76 -7.88 -29.53
N SER B 331 -6.15 -9.07 -29.58
CA SER B 331 -6.63 -10.17 -28.74
C SER B 331 -6.50 -9.84 -27.26
N ILE B 332 -5.38 -9.23 -26.86
CA ILE B 332 -5.22 -8.87 -25.46
C ILE B 332 -6.01 -7.62 -25.12
N LEU B 333 -6.27 -6.76 -26.10
CA LEU B 333 -7.10 -5.59 -25.85
C LEU B 333 -8.56 -5.97 -25.60
N GLN B 334 -9.02 -7.08 -26.20
CA GLN B 334 -10.35 -7.57 -25.84
C GLN B 334 -10.43 -8.04 -24.40
N SER B 335 -9.30 -8.38 -23.79
CA SER B 335 -9.32 -8.92 -22.44
C SER B 335 -9.65 -7.86 -21.40
N ILE B 336 -9.32 -6.61 -21.65
CA ILE B 336 -9.56 -5.53 -20.69
C ILE B 336 -11.05 -5.20 -20.67
N PRO B 337 -11.71 -5.27 -19.51
CA PRO B 337 -13.14 -5.05 -19.44
C PRO B 337 -13.51 -3.57 -19.60
N GLN B 338 -14.80 -3.34 -19.86
CA GLN B 338 -15.27 -2.00 -20.21
C GLN B 338 -15.11 -1.02 -19.05
N ARG B 339 -15.43 -1.45 -17.82
CA ARG B 339 -15.25 -0.53 -16.70
C ARG B 339 -13.78 -0.23 -16.42
N GLN B 340 -12.88 -1.19 -16.66
CA GLN B 340 -11.47 -0.84 -16.63
C GLN B 340 -11.12 0.15 -17.73
N ILE B 341 -11.78 0.04 -18.89
CA ILE B 341 -11.57 1.03 -19.95
C ILE B 341 -11.99 2.42 -19.46
N GLU B 342 -13.12 2.50 -18.78
CA GLU B 342 -13.58 3.79 -18.25
C GLU B 342 -12.58 4.35 -17.24
N GLU B 343 -12.08 3.50 -16.34
CA GLU B 343 -11.09 3.97 -15.37
C GLU B 343 -9.83 4.47 -16.07
N MET B 344 -9.38 3.73 -17.09
CA MET B 344 -8.17 4.13 -17.80
C MET B 344 -8.37 5.44 -18.54
N GLN B 345 -9.56 5.64 -19.12
CA GLN B 345 -9.85 6.91 -19.77
C GLN B 345 -9.84 8.06 -18.77
N ARG B 346 -10.45 7.86 -17.60
CA ARG B 346 -10.44 8.91 -16.59
C ARG B 346 -9.02 9.21 -16.13
N GLN B 347 -8.22 8.18 -15.90
CA GLN B 347 -6.83 8.39 -15.49
C GLN B 347 -6.04 9.09 -16.58
N ALA B 348 -6.28 8.75 -17.84
CA ALA B 348 -5.60 9.43 -18.94
C ALA B 348 -5.95 10.91 -18.98
N ARG B 349 -7.24 11.22 -18.85
CA ARG B 349 -7.65 12.62 -18.85
C ARG B 349 -7.05 13.38 -17.67
N TRP B 350 -7.05 12.75 -16.48
CA TRP B 350 -6.47 13.40 -15.31
C TRP B 350 -4.98 13.62 -15.47
N PHE B 351 -4.27 12.63 -16.01
CA PHE B 351 -2.84 12.79 -16.23
C PHE B 351 -2.56 13.92 -17.21
N TRP B 352 -3.46 14.11 -18.16
CA TRP B 352 -3.20 15.25 -19.07
C TRP B 352 -3.54 16.55 -18.36
N GLU B 353 -4.70 16.64 -17.72
CA GLU B 353 -5.15 17.94 -17.15
C GLU B 353 -4.32 18.30 -15.96
N ALA B 354 -3.17 17.66 -15.75
CA ALA B 354 -2.40 17.95 -14.51
C ALA B 354 -0.89 17.85 -14.75
N TYR B 355 -0.45 17.03 -15.70
CA TYR B 355 1.01 16.81 -15.89
C TYR B 355 1.39 16.97 -17.36
N PHE B 356 0.41 16.99 -18.27
CA PHE B 356 0.73 17.04 -19.72
C PHE B 356 0.07 18.23 -20.40
N GLN B 357 -0.75 19.01 -19.68
CA GLN B 357 -1.46 20.12 -20.32
C GLN B 357 -0.50 21.21 -20.77
N SER B 358 0.44 21.59 -19.91
CA SER B 358 1.31 22.72 -20.17
C SER B 358 2.69 22.45 -19.62
N ILE B 359 3.65 23.26 -20.05
CA ILE B 359 5.02 23.15 -19.56
C ILE B 359 5.09 23.45 -18.07
N LYS B 360 4.18 24.30 -17.57
CA LYS B 360 4.13 24.57 -16.14
C LYS B 360 3.86 23.30 -15.35
N ALA B 361 2.91 22.49 -15.82
CA ALA B 361 2.61 21.23 -15.13
C ALA B 361 3.81 20.29 -15.13
N ILE B 362 4.50 20.19 -16.26
CA ILE B 362 5.67 19.31 -16.35
C ILE B 362 6.75 19.78 -15.39
N ALA B 363 7.02 21.08 -15.37
CA ALA B 363 8.05 21.62 -14.49
C ALA B 363 7.70 21.41 -13.03
N LEU B 364 6.43 21.66 -12.66
CA LEU B 364 6.01 21.45 -11.28
C LEU B 364 6.12 20.00 -10.88
N ALA B 365 5.71 19.08 -11.76
CA ALA B 365 5.81 17.66 -11.45
C ALA B 365 7.27 17.22 -11.30
N THR B 366 8.15 17.71 -12.16
CA THR B 366 9.57 17.35 -12.06
C THR B 366 10.18 17.87 -10.77
N LEU B 367 9.90 19.13 -10.43
CA LEU B 367 10.43 19.69 -9.19
C LEU B 367 9.87 18.93 -7.98
N GLN B 368 8.60 18.52 -8.05
CA GLN B 368 8.02 17.76 -6.95
C GLN B 368 8.68 16.38 -6.83
N ILE B 369 8.98 15.73 -7.95
CA ILE B 369 9.69 14.47 -7.92
C ILE B 369 11.04 14.63 -7.23
N ILE B 370 11.80 15.64 -7.63
CA ILE B 370 13.12 15.85 -7.04
C ILE B 370 12.99 16.17 -5.55
N ASN B 371 11.98 16.98 -5.19
CA ASN B 371 11.78 17.33 -3.79
C ASN B 371 11.43 16.11 -2.95
N ASP B 372 10.55 15.25 -3.45
CA ASP B 372 10.19 14.05 -2.71
C ASP B 372 11.38 13.10 -2.59
N ARG B 373 12.22 13.04 -3.63
CA ARG B 373 13.43 12.23 -3.52
C ARG B 373 14.37 12.78 -2.45
N ILE B 374 14.53 14.11 -2.41
CA ILE B 374 15.45 14.71 -1.45
C ILE B 374 14.89 14.63 -0.04
N TYR B 375 13.57 14.81 0.12
CA TYR B 375 12.91 14.78 1.43
C TYR B 375 11.81 13.73 1.41
N PRO B 376 12.17 12.45 1.52
CA PRO B 376 11.14 11.40 1.46
C PRO B 376 10.22 11.38 2.67
N TYR B 377 10.67 11.88 3.83
CA TYR B 377 9.81 11.86 5.01
C TYR B 377 8.62 12.81 4.86
N ALA B 378 8.81 13.92 4.17
CA ALA B 378 7.74 14.88 3.89
C ALA B 378 7.17 14.71 2.50
N ALA B 379 7.49 13.61 1.82
CA ALA B 379 7.00 13.39 0.46
C ALA B 379 5.49 13.27 0.43
N ILE B 380 4.90 13.74 -0.66
CA ILE B 380 3.45 13.75 -0.83
C ILE B 380 2.95 12.33 -1.07
N SER B 381 1.63 12.15 -0.99
CA SER B 381 1.05 10.82 -1.03
C SER B 381 0.89 10.34 -2.47
N TYR B 382 0.66 9.03 -2.60
CA TYR B 382 0.39 8.43 -3.90
C TYR B 382 -0.92 8.94 -4.49
N GLU B 383 -1.96 9.05 -3.66
CA GLU B 383 -3.25 9.53 -4.14
C GLU B 383 -3.16 10.97 -4.62
N GLU B 384 -2.48 11.83 -3.87
CA GLU B 384 -2.36 13.21 -4.31
C GLU B 384 -1.60 13.31 -5.61
N TRP B 385 -0.77 12.31 -5.91
CA TRP B 385 -0.08 12.26 -7.20
C TRP B 385 -1.03 11.84 -8.32
N ASN B 386 -1.67 10.69 -8.18
CA ASN B 386 -2.36 10.09 -9.33
C ASN B 386 -3.77 9.65 -8.96
N ASP B 387 -4.54 10.53 -8.33
CA ASP B 387 -5.96 10.32 -8.12
C ASP B 387 -6.71 11.49 -8.73
N PRO B 388 -7.68 11.25 -9.61
CA PRO B 388 -8.45 12.36 -10.18
C PRO B 388 -9.20 13.09 -9.10
N PRO B 389 -9.46 14.39 -9.30
CA PRO B 389 -10.15 15.18 -8.25
C PRO B 389 -11.49 14.62 -7.84
N ALA B 390 -12.26 14.06 -8.78
CA ALA B 390 -13.53 13.46 -8.42
C ALA B 390 -13.33 12.28 -7.48
N VAL B 391 -12.43 11.37 -7.84
CA VAL B 391 -12.13 10.24 -6.97
C VAL B 391 -11.44 10.71 -5.71
N LYS B 392 -10.67 11.80 -5.79
CA LYS B 392 -10.03 12.35 -4.60
C LYS B 392 -11.07 12.81 -3.59
N TRP B 393 -12.13 13.46 -4.06
CA TRP B 393 -13.26 13.76 -3.18
C TRP B 393 -13.93 12.49 -2.70
N GLY B 394 -14.05 11.49 -3.59
CA GLY B 394 -14.62 10.21 -3.19
C GLY B 394 -13.70 9.31 -2.40
N SER B 395 -12.41 9.61 -2.33
CA SER B 395 -11.48 8.79 -1.59
C SER B 395 -11.69 8.95 -0.08
N VAL B 396 -11.26 7.94 0.67
CA VAL B 396 -11.45 7.90 2.11
C VAL B 396 -10.11 8.01 2.86
N SER B 397 -9.20 7.05 2.63
CA SER B 397 -7.88 7.04 3.24
C SER B 397 -7.98 7.03 4.77
N ASN B 398 -8.57 5.95 5.33
CA ASN B 398 -8.85 5.80 6.79
C ASN B 398 -7.59 5.83 7.62
N PRO B 399 -7.50 6.68 8.66
CA PRO B 399 -6.24 6.82 9.40
C PRO B 399 -5.88 5.60 10.26
N LEU B 400 -6.86 4.77 10.61
CA LEU B 400 -6.62 3.54 11.40
C LEU B 400 -6.77 2.35 10.45
N PHE B 401 -5.71 2.03 9.68
CA PHE B 401 -5.87 1.00 8.62
C PHE B 401 -5.26 -0.36 9.01
N LEU B 402 -4.83 -0.58 10.26
CA LEU B 402 -4.35 -1.95 10.54
C LEU B 402 -5.50 -2.77 11.08
N PRO B 403 -5.73 -3.99 10.60
CA PRO B 403 -6.77 -4.80 11.18
C PRO B 403 -6.30 -5.40 12.53
N LEU B 404 -6.06 -4.58 13.55
CA LEU B 404 -5.57 -5.05 14.87
C LEU B 404 -6.72 -5.19 15.85
N ILE B 405 -6.73 -6.24 16.65
CA ILE B 405 -7.73 -6.37 17.74
C ILE B 405 -6.97 -6.20 19.05
N PRO B 406 -7.15 -5.13 19.85
CA PRO B 406 -6.44 -5.02 21.12
C PRO B 406 -7.03 -5.99 22.14
N PRO B 407 -6.20 -6.53 23.02
CA PRO B 407 -6.71 -7.45 24.03
C PRO B 407 -7.43 -6.71 25.16
N GLN B 408 -7.87 -7.49 26.14
CA GLN B 408 -8.59 -6.96 27.28
C GLN B 408 -7.69 -6.48 28.40
N SER B 409 -6.37 -6.51 28.20
CA SER B 409 -5.45 -6.07 29.25
C SER B 409 -5.68 -4.62 29.62
N GLN B 410 -5.86 -3.76 28.61
CA GLN B 410 -6.25 -2.38 28.85
C GLN B 410 -7.77 -2.28 28.87
N GLY B 411 -8.26 -1.06 29.08
CA GLY B 411 -9.69 -0.84 29.12
C GLY B 411 -10.13 0.43 28.42
N PHE B 412 -11.18 1.06 28.92
CA PHE B 412 -11.71 2.28 28.34
C PHE B 412 -11.68 3.39 29.39
N THR B 413 -11.27 4.58 28.97
CA THR B 413 -11.26 5.75 29.84
C THR B 413 -12.61 6.45 29.71
N ALA B 414 -13.49 6.24 30.68
CA ALA B 414 -14.81 6.86 30.65
C ALA B 414 -14.71 8.34 30.96
N ILE B 415 -15.36 9.16 30.12
CA ILE B 415 -15.41 10.61 30.31
C ILE B 415 -16.86 11.00 30.52
N VAL B 416 -17.13 11.66 31.63
CA VAL B 416 -18.48 12.09 31.99
C VAL B 416 -18.52 13.61 31.96
N LEU B 417 -19.42 14.16 31.15
CA LEU B 417 -19.58 15.60 31.07
C LEU B 417 -20.66 16.05 32.05
N THR B 418 -20.28 16.95 32.96
CA THR B 418 -21.14 17.32 34.08
C THR B 418 -21.30 18.84 34.13
N TYR B 419 -22.53 19.28 34.40
CA TYR B 419 -22.80 20.68 34.72
C TYR B 419 -24.15 20.77 35.40
N ASP B 420 -24.18 21.31 36.61
CA ASP B 420 -25.42 21.54 37.36
C ASP B 420 -26.25 20.28 37.50
N ARG B 421 -25.59 19.13 37.64
CA ARG B 421 -26.28 17.85 37.82
C ARG B 421 -25.35 16.92 38.57
N VAL B 422 -25.60 16.76 39.87
CA VAL B 422 -24.75 15.97 40.75
C VAL B 422 -25.47 14.73 41.27
N GLU B 423 -26.78 14.85 41.56
CA GLU B 423 -27.52 13.71 42.08
C GLU B 423 -27.61 12.58 41.07
N SER B 424 -27.75 12.91 39.78
CA SER B 424 -27.77 11.89 38.74
C SER B 424 -26.38 11.44 38.32
N LEU B 425 -25.36 12.28 38.53
CA LEU B 425 -23.99 11.90 38.19
C LEU B 425 -23.53 10.72 39.05
N PHE B 426 -23.89 10.71 40.33
CA PHE B 426 -23.50 9.59 41.19
C PHE B 426 -24.15 8.30 40.73
N ARG B 427 -25.42 8.35 40.33
CA ARG B 427 -26.14 7.15 39.93
C ARG B 427 -25.51 6.50 38.70
N VAL B 428 -24.92 7.30 37.81
CA VAL B 428 -24.28 6.73 36.64
C VAL B 428 -22.81 6.37 36.90
N ILE B 429 -22.11 7.15 37.73
CA ILE B 429 -20.71 6.84 37.99
C ILE B 429 -20.58 5.56 38.81
N THR B 430 -21.54 5.31 39.72
CA THR B 430 -21.51 4.06 40.47
C THR B 430 -21.69 2.87 39.56
N GLU B 431 -22.57 2.97 38.57
CA GLU B 431 -22.77 1.88 37.63
C GLU B 431 -21.57 1.71 36.70
N VAL B 432 -20.98 2.82 36.26
CA VAL B 432 -19.82 2.75 35.36
C VAL B 432 -18.63 2.12 36.09
N SER B 433 -18.44 2.46 37.36
CA SER B 433 -17.33 1.88 38.11
C SER B 433 -17.47 0.36 38.24
N LYS B 434 -18.70 -0.15 38.28
CA LYS B 434 -18.92 -1.58 38.36
C LYS B 434 -18.57 -2.31 37.07
N VAL B 435 -18.39 -1.59 35.98
CA VAL B 435 -18.08 -2.24 34.70
C VAL B 435 -16.62 -2.71 34.72
N PRO B 436 -16.35 -3.97 34.38
CA PRO B 436 -14.95 -4.41 34.32
C PRO B 436 -14.21 -3.75 33.18
N SER B 437 -12.88 -3.82 33.25
CA SER B 437 -11.99 -3.26 32.22
C SER B 437 -12.22 -1.76 32.05
N LEU B 438 -12.44 -1.06 33.15
CA LEU B 438 -12.49 0.40 33.17
C LEU B 438 -11.18 0.89 33.78
N SER B 439 -10.25 1.31 32.92
CA SER B 439 -8.92 1.67 33.39
C SER B 439 -8.93 3.00 34.14
N LYS B 440 -9.61 4.00 33.61
CA LYS B 440 -9.63 5.31 34.22
C LYS B 440 -10.98 5.96 33.97
N LEU B 441 -11.35 6.88 34.86
CA LEU B 441 -12.60 7.63 34.74
C LEU B 441 -12.30 9.10 34.98
N LEU B 442 -12.65 9.94 34.01
CA LEU B 442 -12.43 11.37 34.10
C LEU B 442 -13.78 12.09 34.17
N VAL B 443 -13.94 12.95 35.18
CA VAL B 443 -15.11 13.80 35.30
C VAL B 443 -14.67 15.22 34.93
N VAL B 444 -15.31 15.78 33.91
CA VAL B 444 -14.96 17.11 33.41
C VAL B 444 -15.98 18.10 33.97
N TRP B 445 -15.49 19.20 34.52
CA TRP B 445 -16.31 20.18 35.24
C TRP B 445 -16.46 21.43 34.38
N ASN B 446 -17.56 21.49 33.63
CA ASN B 446 -17.80 22.63 32.76
C ASN B 446 -18.32 23.84 33.53
N ASN B 447 -19.00 23.61 34.65
CA ASN B 447 -19.62 24.70 35.40
C ASN B 447 -18.58 25.39 36.27
N GLN B 448 -18.32 26.67 35.99
CA GLN B 448 -17.39 27.45 36.81
C GLN B 448 -18.09 28.12 37.98
N ASN B 449 -19.38 28.43 37.85
CA ASN B 449 -20.11 29.07 38.94
C ASN B 449 -20.15 28.17 40.17
N LYS B 450 -20.40 26.89 39.97
CA LYS B 450 -20.45 25.95 41.07
C LYS B 450 -19.05 25.42 41.38
N ASN B 451 -18.88 24.93 42.61
CA ASN B 451 -17.62 24.34 43.06
C ASN B 451 -17.72 22.82 43.00
N PRO B 452 -16.68 22.12 42.57
CA PRO B 452 -16.72 20.65 42.61
C PRO B 452 -16.93 20.14 44.02
N PRO B 453 -17.73 19.08 44.20
CA PRO B 453 -17.95 18.55 45.54
C PRO B 453 -16.65 18.03 46.15
N GLU B 454 -16.59 18.07 47.49
CA GLU B 454 -15.39 17.69 48.21
C GLU B 454 -15.07 16.22 47.99
N ASP B 455 -13.78 15.89 48.10
CA ASP B 455 -13.31 14.55 47.78
C ASP B 455 -13.88 13.49 48.72
N SER B 456 -14.28 13.86 49.93
CA SER B 456 -14.80 12.88 50.87
C SER B 456 -16.11 12.27 50.38
N LEU B 457 -16.99 13.09 49.81
CA LEU B 457 -18.31 12.64 49.40
C LEU B 457 -18.32 11.95 48.03
N TRP B 458 -17.20 11.94 47.32
CA TRP B 458 -17.15 11.19 46.07
C TRP B 458 -17.30 9.70 46.35
N PRO B 459 -18.01 8.97 45.48
CA PRO B 459 -18.21 7.54 45.72
C PRO B 459 -16.90 6.78 45.70
N LYS B 460 -16.84 5.72 46.52
CA LYS B 460 -15.65 4.88 46.62
C LYS B 460 -15.62 3.93 45.42
N ILE B 461 -14.59 4.07 44.58
CA ILE B 461 -14.45 3.25 43.39
C ILE B 461 -13.03 2.70 43.33
N ARG B 462 -12.88 1.59 42.61
CA ARG B 462 -11.58 0.94 42.43
C ARG B 462 -10.83 1.46 41.21
N VAL B 463 -11.38 2.45 40.52
CA VAL B 463 -10.78 2.99 39.30
C VAL B 463 -10.20 4.36 39.62
N PRO B 464 -9.00 4.70 39.14
CA PRO B 464 -8.45 6.04 39.38
C PRO B 464 -9.33 7.14 38.82
N LEU B 465 -9.89 7.96 39.71
CA LEU B 465 -10.78 9.05 39.34
C LEU B 465 -10.01 10.36 39.28
N LYS B 466 -10.44 11.23 38.37
CA LYS B 466 -9.81 12.55 38.22
C LYS B 466 -10.85 13.55 37.77
N VAL B 467 -10.85 14.72 38.39
CA VAL B 467 -11.76 15.82 38.07
C VAL B 467 -10.94 16.96 37.48
N VAL B 468 -11.33 17.42 36.29
CA VAL B 468 -10.61 18.46 35.57
C VAL B 468 -11.45 19.72 35.59
N ARG B 469 -10.84 20.83 36.00
CA ARG B 469 -11.51 22.13 36.07
C ARG B 469 -11.33 22.85 34.73
N THR B 470 -12.43 23.05 34.01
CA THR B 470 -12.36 23.68 32.71
C THR B 470 -12.22 25.20 32.84
N ALA B 471 -11.57 25.80 31.84
CA ALA B 471 -11.49 27.25 31.78
C ALA B 471 -12.81 27.87 31.34
N GLU B 472 -13.48 27.27 30.37
CA GLU B 472 -14.75 27.79 29.88
C GLU B 472 -15.81 26.70 29.92
N ASN B 473 -17.04 27.02 29.53
CA ASN B 473 -18.16 26.09 29.55
C ASN B 473 -18.50 25.83 28.09
N LYS B 474 -17.86 24.83 27.51
CA LYS B 474 -18.09 24.41 26.13
C LYS B 474 -18.47 22.94 26.12
N LEU B 475 -19.58 22.61 25.45
CA LEU B 475 -20.05 21.23 25.42
C LEU B 475 -19.13 20.34 24.59
N SER B 476 -18.24 20.91 23.79
CA SER B 476 -17.27 20.15 23.03
C SER B 476 -16.00 19.84 23.82
N ASN B 477 -15.93 20.27 25.08
CA ASN B 477 -14.75 20.01 25.89
C ASN B 477 -14.64 18.55 26.30
N ARG B 478 -15.71 17.76 26.14
CA ARG B 478 -15.62 16.33 26.40
C ARG B 478 -14.74 15.61 25.39
N PHE B 479 -14.52 16.20 24.21
CA PHE B 479 -13.78 15.56 23.14
C PHE B 479 -12.33 16.02 23.07
N PHE B 480 -11.85 16.74 24.07
CA PHE B 480 -10.45 17.14 24.05
C PHE B 480 -9.57 15.94 24.41
N PRO B 481 -8.51 15.67 23.65
CA PRO B 481 -7.63 14.55 24.01
C PRO B 481 -6.79 14.86 25.23
N TYR B 482 -7.14 14.28 26.37
CA TYR B 482 -6.39 14.50 27.59
C TYR B 482 -5.22 13.53 27.67
N ASP B 483 -4.12 14.00 28.24
CA ASP B 483 -2.96 13.12 28.42
C ASP B 483 -3.21 12.04 29.46
N GLU B 484 -4.29 12.14 30.23
CA GLU B 484 -4.60 11.16 31.27
C GLU B 484 -5.15 9.86 30.71
N ILE B 485 -5.64 9.84 29.47
CA ILE B 485 -6.08 8.60 28.84
C ILE B 485 -4.85 7.79 28.45
N GLU B 486 -4.65 6.67 29.13
CA GLU B 486 -3.57 5.74 28.81
C GLU B 486 -4.05 4.58 27.94
N THR B 487 -5.30 4.59 27.51
CA THR B 487 -5.91 3.51 26.74
C THR B 487 -6.32 4.01 25.36
N GLU B 488 -6.90 3.10 24.58
CA GLU B 488 -7.44 3.44 23.27
C GLU B 488 -8.91 3.85 23.36
N ALA B 489 -9.75 2.96 23.88
CA ALA B 489 -11.17 3.22 23.92
C ALA B 489 -11.50 4.35 24.89
N VAL B 490 -12.39 5.24 24.48
CA VAL B 490 -12.87 6.34 25.29
C VAL B 490 -14.39 6.28 25.31
N LEU B 491 -14.97 6.18 26.51
CA LEU B 491 -16.41 6.10 26.67
C LEU B 491 -16.93 7.47 27.10
N ALA B 492 -17.65 8.12 26.20
CA ALA B 492 -18.30 9.39 26.51
C ALA B 492 -19.72 9.08 27.00
N ILE B 493 -19.97 9.31 28.28
CA ILE B 493 -21.23 8.97 28.92
C ILE B 493 -21.80 10.23 29.56
N ASP B 494 -23.09 10.45 29.37
CA ASP B 494 -23.74 11.66 29.87
C ASP B 494 -24.36 11.41 31.25
N ASP B 495 -24.66 12.52 31.93
CA ASP B 495 -25.24 12.43 33.27
C ASP B 495 -26.62 11.80 33.25
N ASP B 496 -27.46 12.22 32.30
CA ASP B 496 -28.84 11.74 32.28
C ASP B 496 -28.94 10.28 31.92
N ILE B 497 -27.85 9.67 31.45
CA ILE B 497 -27.86 8.28 31.01
C ILE B 497 -27.74 7.39 32.24
N ILE B 498 -28.81 6.67 32.58
CA ILE B 498 -28.82 5.84 33.78
C ILE B 498 -29.19 4.41 33.44
N MET B 499 -29.95 4.21 32.37
CA MET B 499 -30.51 2.89 32.08
C MET B 499 -29.56 2.01 31.29
N LEU B 500 -28.33 1.84 31.78
CA LEU B 500 -27.37 0.92 31.21
C LEU B 500 -26.76 0.07 32.30
N THR B 501 -26.72 -1.24 32.08
CA THR B 501 -26.11 -2.17 33.03
C THR B 501 -24.62 -2.29 32.75
N SER B 502 -23.90 -2.86 33.71
CA SER B 502 -22.47 -3.10 33.53
C SER B 502 -22.22 -4.07 32.40
N ASP B 503 -23.11 -5.05 32.22
CA ASP B 503 -22.99 -5.99 31.12
C ASP B 503 -23.07 -5.29 29.77
N GLU B 504 -23.96 -4.29 29.65
CA GLU B 504 -24.09 -3.56 28.41
C GLU B 504 -22.80 -2.81 28.07
N LEU B 505 -22.21 -2.13 29.06
CA LEU B 505 -20.97 -1.41 28.81
C LEU B 505 -19.84 -2.36 28.48
N GLN B 506 -19.76 -3.50 29.18
CA GLN B 506 -18.71 -4.47 28.87
C GLN B 506 -18.87 -5.02 27.46
N PHE B 507 -20.10 -5.34 27.06
CA PHE B 507 -20.32 -5.85 25.71
C PHE B 507 -20.01 -4.78 24.65
N GLY B 508 -20.34 -3.53 24.94
CA GLY B 508 -19.97 -2.46 24.02
C GLY B 508 -18.47 -2.34 23.85
N TYR B 509 -17.74 -2.42 24.95
CA TYR B 509 -16.28 -2.38 24.85
C TYR B 509 -15.75 -3.58 24.09
N GLU B 510 -16.34 -4.75 24.32
CA GLU B 510 -15.91 -5.95 23.61
C GLU B 510 -16.18 -5.84 22.11
N VAL B 511 -17.31 -5.27 21.72
CA VAL B 511 -17.61 -5.10 20.30
C VAL B 511 -16.67 -4.07 19.69
N TRP B 512 -16.38 -2.99 20.42
CA TRP B 512 -15.44 -1.99 19.92
C TRP B 512 -14.05 -2.59 19.69
N ARG B 513 -13.71 -3.64 20.43
CA ARG B 513 -12.41 -4.28 20.24
C ARG B 513 -12.26 -4.82 18.82
N GLU B 514 -13.36 -5.33 18.25
CA GLU B 514 -13.33 -5.81 16.87
C GLU B 514 -13.29 -4.68 15.86
N PHE B 515 -13.76 -3.49 16.22
CA PHE B 515 -13.80 -2.34 15.31
C PHE B 515 -13.18 -1.12 16.00
N PRO B 516 -11.85 -1.09 16.13
CA PRO B 516 -11.21 0.08 16.76
C PRO B 516 -11.17 1.31 15.88
N ASP B 517 -11.40 1.19 14.58
CA ASP B 517 -11.22 2.30 13.65
C ASP B 517 -12.50 3.08 13.39
N ARG B 518 -13.63 2.68 13.98
CA ARG B 518 -14.88 3.40 13.81
C ARG B 518 -15.42 3.80 15.18
N LEU B 519 -16.62 4.35 15.19
CA LEU B 519 -17.25 4.86 16.41
C LEU B 519 -18.44 3.98 16.76
N VAL B 520 -18.50 3.54 18.01
CA VAL B 520 -19.51 2.61 18.49
C VAL B 520 -20.33 3.30 19.57
N GLY B 521 -21.64 3.26 19.43
CA GLY B 521 -22.52 3.95 20.36
C GLY B 521 -23.83 3.22 20.55
N TYR B 522 -24.43 3.45 21.72
CA TYR B 522 -25.68 2.79 22.11
C TYR B 522 -26.94 3.47 21.54
N PRO B 523 -27.11 4.79 21.66
CA PRO B 523 -28.34 5.40 21.12
C PRO B 523 -28.40 5.31 19.60
N GLY B 524 -29.63 5.25 19.10
CA GLY B 524 -29.84 5.07 17.67
C GLY B 524 -30.61 6.18 16.98
N ARG B 525 -29.99 6.84 16.00
CA ARG B 525 -30.61 7.91 15.25
C ARG B 525 -30.18 7.79 13.79
N LEU B 526 -30.92 8.48 12.91
CA LEU B 526 -30.64 8.43 11.48
C LEU B 526 -31.01 9.77 10.86
N HIS B 527 -31.00 9.81 9.53
CA HIS B 527 -31.34 11.01 8.76
C HIS B 527 -32.18 10.61 7.56
N LEU B 528 -33.00 11.55 7.09
CA LEU B 528 -33.85 11.33 5.93
C LEU B 528 -33.78 12.54 5.00
N TRP B 529 -34.28 12.32 3.78
CA TRP B 529 -34.44 13.36 2.78
C TRP B 529 -35.92 13.69 2.61
N ASP B 530 -36.26 14.97 2.71
CA ASP B 530 -37.62 15.44 2.51
C ASP B 530 -37.67 16.22 1.21
N HIS B 531 -38.52 15.78 0.28
CA HIS B 531 -38.65 16.47 -1.00
C HIS B 531 -39.39 17.78 -0.88
N GLU B 532 -40.31 17.90 0.09
CA GLU B 532 -41.08 19.11 0.24
C GLU B 532 -40.20 20.29 0.63
N MET B 533 -39.24 20.09 1.53
CA MET B 533 -38.28 21.13 1.87
C MET B 533 -36.98 21.03 1.08
N ASN B 534 -36.74 19.92 0.37
CA ASN B 534 -35.52 19.70 -0.38
C ASN B 534 -34.28 19.84 0.50
N LYS B 535 -34.38 19.37 1.74
CA LYS B 535 -33.30 19.47 2.70
C LYS B 535 -33.29 18.23 3.58
N TRP B 536 -32.16 18.02 4.25
CA TRP B 536 -32.03 16.92 5.20
C TRP B 536 -32.86 17.20 6.44
N LYS B 537 -33.24 16.12 7.14
CA LYS B 537 -33.99 16.23 8.38
C LYS B 537 -33.47 15.22 9.38
N TYR B 538 -33.69 15.53 10.66
CA TYR B 538 -33.27 14.67 11.76
C TYR B 538 -34.49 13.87 12.22
N GLU B 539 -34.39 12.55 12.12
CA GLU B 539 -35.48 11.66 12.48
C GLU B 539 -35.01 10.72 13.57
N SER B 540 -35.81 10.60 14.64
CA SER B 540 -35.52 9.67 15.70
C SER B 540 -36.72 8.87 16.18
N GLU B 541 -37.95 9.24 15.79
CA GLU B 541 -39.14 8.57 16.32
C GLU B 541 -39.18 7.11 15.89
N TRP B 542 -38.90 6.83 14.63
CA TRP B 542 -38.87 5.47 14.11
C TRP B 542 -37.46 5.12 13.68
N THR B 543 -37.10 3.84 13.85
CA THR B 543 -35.74 3.39 13.56
C THR B 543 -35.81 2.12 12.72
N ASN B 544 -35.74 2.27 11.40
CA ASN B 544 -35.53 1.16 10.50
C ASN B 544 -34.11 1.09 9.96
N GLU B 545 -33.42 2.23 9.91
CA GLU B 545 -32.00 2.29 9.57
C GLU B 545 -31.32 3.21 10.58
N VAL B 546 -30.01 3.05 10.71
CA VAL B 546 -29.23 3.85 11.64
C VAL B 546 -28.09 4.51 10.87
N SER B 547 -27.95 5.82 11.01
CA SER B 547 -26.85 6.55 10.40
C SER B 547 -25.98 7.29 11.39
N MET B 548 -26.42 7.42 12.65
CA MET B 548 -25.65 8.11 13.67
C MET B 548 -25.93 7.46 15.02
N VAL B 549 -24.97 7.61 15.94
CA VAL B 549 -25.17 7.28 17.34
C VAL B 549 -24.67 8.48 18.15
N LEU B 550 -25.43 8.86 19.17
CA LEU B 550 -25.04 10.02 19.95
C LEU B 550 -23.78 9.73 20.76
N THR B 551 -22.95 10.76 20.92
CA THR B 551 -21.69 10.58 21.63
C THR B 551 -21.91 10.20 23.09
N GLY B 552 -23.05 10.60 23.67
CA GLY B 552 -23.43 10.08 24.96
C GLY B 552 -23.60 8.58 24.89
N ALA B 553 -22.93 7.86 25.78
CA ALA B 553 -22.88 6.39 25.75
C ALA B 553 -22.36 5.90 24.41
N ALA B 554 -21.10 6.24 24.12
CA ALA B 554 -20.46 5.85 22.88
C ALA B 554 -19.02 5.42 23.15
N PHE B 555 -18.62 4.34 22.49
CA PHE B 555 -17.24 3.86 22.52
C PHE B 555 -16.54 4.24 21.21
N TYR B 556 -15.43 4.96 21.33
CA TYR B 556 -14.70 5.36 20.13
C TYR B 556 -13.24 5.56 20.48
N HIS B 557 -12.40 5.50 19.45
CA HIS B 557 -10.96 5.64 19.63
C HIS B 557 -10.62 7.12 19.84
N LYS B 558 -9.60 7.35 20.67
CA LYS B 558 -9.25 8.71 21.08
C LYS B 558 -8.72 9.56 19.92
N TYR B 559 -8.27 8.93 18.83
CA TYR B 559 -7.92 9.70 17.64
C TYR B 559 -9.10 10.52 17.15
N PHE B 560 -10.32 10.05 17.42
CA PHE B 560 -11.50 10.85 17.08
C PHE B 560 -11.57 12.11 17.93
N ASN B 561 -11.21 12.01 19.21
CA ASN B 561 -11.11 13.20 20.05
C ASN B 561 -10.08 14.17 19.48
N TYR B 562 -8.92 13.64 19.08
CA TYR B 562 -7.89 14.50 18.49
C TYR B 562 -8.40 15.17 17.23
N LEU B 563 -9.11 14.42 16.38
CA LEU B 563 -9.64 14.97 15.14
C LEU B 563 -10.65 16.06 15.41
N TYR B 564 -11.57 15.83 16.35
CA TYR B 564 -12.55 16.85 16.70
C TYR B 564 -11.88 18.11 17.22
N THR B 565 -10.85 17.94 18.05
CA THR B 565 -10.22 19.10 18.66
C THR B 565 -9.37 19.90 17.67
N TYR B 566 -8.71 19.23 16.74
CA TYR B 566 -7.73 19.92 15.90
C TYR B 566 -8.07 19.90 14.42
N LYS B 567 -8.42 18.74 13.84
CA LYS B 567 -8.49 18.60 12.40
C LYS B 567 -9.87 18.87 11.82
N MET B 568 -10.91 18.98 12.64
CA MET B 568 -12.22 19.38 12.13
C MET B 568 -12.14 20.83 11.64
N PRO B 569 -12.86 21.17 10.57
CA PRO B 569 -12.90 22.57 10.12
C PRO B 569 -13.36 23.49 11.24
N GLY B 570 -12.72 24.67 11.30
CA GLY B 570 -12.99 25.61 12.38
C GLY B 570 -14.38 26.22 12.36
N ASP B 571 -15.11 26.07 11.25
CA ASP B 571 -16.47 26.61 11.19
C ASP B 571 -17.43 25.78 12.04
N ILE B 572 -17.13 24.51 12.28
CA ILE B 572 -18.08 23.63 12.94
C ILE B 572 -17.88 23.63 14.45
N LYS B 573 -16.64 23.60 14.92
CA LYS B 573 -16.40 23.53 16.36
C LYS B 573 -16.90 24.79 17.06
N ASN B 574 -16.58 25.96 16.51
CA ASN B 574 -17.04 27.21 17.13
C ASN B 574 -18.55 27.32 17.09
N TRP B 575 -19.16 26.94 15.97
CA TRP B 575 -20.61 27.04 15.83
C TRP B 575 -21.31 26.09 16.80
N VAL B 576 -20.81 24.86 16.93
CA VAL B 576 -21.43 23.89 17.82
C VAL B 576 -21.22 24.28 19.27
N ASP B 577 -20.10 24.94 19.58
CA ASP B 577 -19.92 25.48 20.93
C ASP B 577 -20.87 26.63 21.20
N ALA B 578 -21.08 27.49 20.20
CA ALA B 578 -21.96 28.64 20.40
C ALA B 578 -23.41 28.23 20.58
N HIS B 579 -23.89 27.27 19.80
CA HIS B 579 -25.28 26.86 19.89
C HIS B 579 -25.52 25.80 20.98
N MET B 580 -24.47 25.27 21.58
CA MET B 580 -24.58 24.36 22.73
C MET B 580 -25.46 23.16 22.40
N ASN B 581 -25.34 22.64 21.17
CA ASN B 581 -26.13 21.48 20.77
C ASN B 581 -25.49 20.89 19.52
N CYS B 582 -25.75 19.59 19.32
CA CYS B 582 -25.34 18.86 18.12
C CYS B 582 -23.82 18.62 18.07
N GLU B 583 -23.21 18.38 19.25
CA GLU B 583 -21.83 17.91 19.26
C GLU B 583 -21.75 16.46 18.78
N ASP B 584 -22.72 15.64 19.18
CA ASP B 584 -22.75 14.25 18.76
C ASP B 584 -22.90 14.13 17.24
N ILE B 585 -23.74 14.98 16.66
CA ILE B 585 -23.93 14.97 15.21
C ILE B 585 -22.61 15.31 14.52
N ALA B 586 -21.90 16.31 15.04
CA ALA B 586 -20.62 16.70 14.45
C ALA B 586 -19.59 15.59 14.55
N MET B 587 -19.53 14.92 15.71
CA MET B 587 -18.60 13.78 15.84
C MET B 587 -18.95 12.66 14.87
N ASN B 588 -20.24 12.33 14.73
CA ASN B 588 -20.63 11.30 13.79
C ASN B 588 -20.25 11.69 12.37
N PHE B 589 -20.49 12.94 11.98
CA PHE B 589 -20.12 13.41 10.66
C PHE B 589 -18.62 13.26 10.43
N LEU B 590 -17.82 13.71 11.40
CA LEU B 590 -16.38 13.68 11.25
C LEU B 590 -15.86 12.25 11.15
N VAL B 591 -16.39 11.36 12.00
CA VAL B 591 -15.94 9.96 11.98
C VAL B 591 -16.28 9.31 10.65
N ALA B 592 -17.52 9.51 10.18
CA ALA B 592 -17.90 8.92 8.91
C ALA B 592 -17.12 9.52 7.74
N ASN B 593 -16.70 10.78 7.86
CA ASN B 593 -15.92 11.40 6.80
C ASN B 593 -14.50 10.87 6.76
N VAL B 594 -13.87 10.72 7.93
CA VAL B 594 -12.45 10.35 7.96
C VAL B 594 -12.28 8.85 7.75
N THR B 595 -13.15 8.04 8.34
CA THR B 595 -13.03 6.60 8.21
C THR B 595 -13.77 6.04 7.01
N GLY B 596 -14.75 6.76 6.48
CA GLY B 596 -15.53 6.26 5.37
C GLY B 596 -16.30 4.99 5.69
N LYS B 597 -16.51 4.70 6.96
CA LYS B 597 -17.15 3.48 7.39
C LYS B 597 -18.45 3.79 8.11
N ALA B 598 -19.24 2.75 8.33
CA ALA B 598 -20.56 2.90 8.95
C ALA B 598 -20.41 3.02 10.46
N VAL B 599 -21.53 2.91 11.17
CA VAL B 599 -21.56 3.04 12.62
C VAL B 599 -22.24 1.81 13.20
N ILE B 600 -21.81 1.41 14.39
CA ILE B 600 -22.29 0.19 15.03
C ILE B 600 -23.10 0.56 16.27
N LYS B 601 -24.37 0.16 16.27
CA LYS B 601 -25.22 0.26 17.46
C LYS B 601 -25.23 -1.09 18.16
N VAL B 602 -24.99 -1.09 19.46
CA VAL B 602 -24.75 -2.34 20.17
C VAL B 602 -25.81 -2.62 21.23
N THR B 603 -27.04 -2.17 21.00
CA THR B 603 -28.10 -2.45 21.94
C THR B 603 -29.47 -2.37 21.26
N PRO B 604 -30.32 -3.38 21.42
CA PRO B 604 -31.69 -3.34 20.89
C PRO B 604 -32.66 -2.56 21.78
N ARG B 605 -32.25 -1.36 22.19
CA ARG B 605 -33.06 -0.50 23.03
C ARG B 605 -32.89 0.93 22.58
N LYS B 606 -33.94 1.74 22.79
CA LYS B 606 -33.96 3.13 22.34
C LYS B 606 -33.92 4.11 23.50
N LYS B 607 -34.69 3.88 24.55
CA LYS B 607 -34.73 4.79 25.68
C LYS B 607 -33.55 4.51 26.61
N PHE B 608 -32.75 5.54 26.86
CA PHE B 608 -31.57 5.38 27.72
C PHE B 608 -31.56 6.34 28.89
N LYS B 609 -32.03 7.57 28.71
CA LYS B 609 -32.12 8.54 29.80
C LYS B 609 -33.49 8.44 30.46
N CYS B 610 -33.50 8.59 31.79
CA CYS B 610 -34.75 8.50 32.54
C CYS B 610 -35.13 9.85 33.14
N MET B 626 -36.09 19.58 17.58
CA MET B 626 -35.98 18.87 16.30
C MET B 626 -35.55 19.80 15.18
N VAL B 627 -36.11 21.02 15.15
CA VAL B 627 -35.73 21.99 14.12
C VAL B 627 -34.26 22.36 14.27
N GLU B 628 -33.80 22.55 15.51
CA GLU B 628 -32.40 22.89 15.74
C GLU B 628 -31.47 21.80 15.24
N ARG B 629 -31.80 20.54 15.51
CA ARG B 629 -30.94 19.44 15.07
C ARG B 629 -30.99 19.25 13.57
N SER B 630 -32.15 19.50 12.95
CA SER B 630 -32.23 19.49 11.49
C SER B 630 -31.35 20.57 10.89
N GLU B 631 -31.34 21.76 11.50
CA GLU B 631 -30.45 22.82 11.04
C GLU B 631 -29.00 22.42 11.22
N CYS B 632 -28.67 21.75 12.33
CA CYS B 632 -27.32 21.24 12.53
C CYS B 632 -26.92 20.31 11.40
N ILE B 633 -27.79 19.36 11.06
CA ILE B 633 -27.49 18.40 10.01
C ILE B 633 -27.32 19.11 8.67
N ASN B 634 -28.19 20.07 8.38
CA ASN B 634 -28.11 20.79 7.11
C ASN B 634 -26.81 21.57 7.01
N LYS B 635 -26.40 22.25 8.09
CA LYS B 635 -25.15 22.99 8.04
C LYS B 635 -23.95 22.07 7.91
N PHE B 636 -23.98 20.92 8.60
CA PHE B 636 -22.88 19.98 8.50
C PHE B 636 -22.78 19.40 7.09
N ALA B 637 -23.92 19.16 6.45
CA ALA B 637 -23.89 18.72 5.06
C ALA B 637 -23.35 19.82 4.15
N SER B 638 -23.73 21.08 4.42
CA SER B 638 -23.29 22.18 3.58
C SER B 638 -21.78 22.39 3.68
N VAL B 639 -21.21 22.30 4.88
CA VAL B 639 -19.79 22.59 5.05
C VAL B 639 -18.93 21.53 4.37
N PHE B 640 -19.38 20.28 4.38
CA PHE B 640 -18.59 19.17 3.85
C PHE B 640 -18.61 19.10 2.32
N GLY B 641 -19.56 19.77 1.67
CA GLY B 641 -19.75 19.64 0.24
C GLY B 641 -20.54 18.42 -0.16
N THR B 642 -20.78 17.49 0.76
CA THR B 642 -21.60 16.31 0.55
C THR B 642 -21.99 15.81 1.94
N MET B 643 -22.66 14.67 2.00
CA MET B 643 -23.03 14.15 3.30
C MET B 643 -22.32 12.82 3.54
N PRO B 644 -21.28 12.78 4.37
CA PRO B 644 -20.46 11.57 4.49
C PRO B 644 -21.14 10.41 5.19
N LEU B 645 -22.26 10.63 5.86
CA LEU B 645 -22.88 9.57 6.63
C LEU B 645 -23.40 8.46 5.72
N LYS B 646 -23.40 7.24 6.25
CA LYS B 646 -23.83 6.06 5.51
C LYS B 646 -24.94 5.37 6.30
N VAL B 647 -25.96 4.92 5.60
CA VAL B 647 -27.12 4.30 6.22
C VAL B 647 -26.92 2.78 6.26
N VAL B 648 -27.04 2.21 7.47
CA VAL B 648 -26.95 0.77 7.67
C VAL B 648 -28.04 0.36 8.65
N GLU B 649 -28.42 -0.92 8.59
CA GLU B 649 -29.50 -1.45 9.40
C GLU B 649 -29.07 -2.66 10.23
N HIS B 650 -27.78 -2.80 10.49
CA HIS B 650 -27.26 -3.91 11.28
C HIS B 650 -26.81 -3.41 12.65
N ARG B 651 -27.25 -4.11 13.69
CA ARG B 651 -26.85 -3.84 15.06
C ARG B 651 -26.24 -5.09 15.68
N ALA B 652 -25.38 -4.88 16.67
CA ALA B 652 -24.66 -5.97 17.32
C ALA B 652 -25.26 -6.26 18.69
N ASP B 653 -25.55 -7.52 18.95
CA ASP B 653 -26.08 -7.96 20.23
C ASP B 653 -25.37 -9.24 20.64
N PRO B 654 -25.44 -9.61 21.92
CA PRO B 654 -24.77 -10.83 22.38
C PRO B 654 -25.14 -12.04 21.53
N VAL B 655 -24.15 -12.88 21.27
CA VAL B 655 -24.35 -14.09 20.47
C VAL B 655 -25.25 -15.07 21.21
#